data_5SN8
#
_entry.id   5SN8
#
_cell.length_a   138.650
_cell.length_b   65.928
_cell.length_c   84.493
_cell.angle_alpha   90.000
_cell.angle_beta   93.480
_cell.angle_gamma   90.000
#
_symmetry.space_group_name_H-M   'C 1 2 1'
#
loop_
_entity.id
_entity.type
_entity.pdbx_description
1 polymer '3-oxoacyl-[acyl-carrier-protein] synthase 2'
2 non-polymer 'methyl N-(5-methyl-1,2-oxazole-3-carbonyl)glycinate'
3 non-polymer 'DIMETHYL SULFOXIDE'
4 non-polymer 'PHOSPHATE ION'
5 water water
#
_entity_poly.entity_id   1
_entity_poly.type   'polypeptide(L)'
_entity_poly.pdbx_seq_one_letter_code
;MSRRRVVITGMGMLSPLGLDVPSSWEGILAGRSGIAPIEHMDLSAYSTRFGGSVKGFNVEEYLSAKEARKLDLFIQYGLA
ASFQAVRDSGLEVTDANRERIGVSMGSGIGGLTNIENNCRSLFEQGPRRISPFFVPGSIINMVSGFLSIHLGLQGPNYAL
TTAQTTGTHSIGMAARNIAYGEADVMVAGGSEMAACGLGLGGFGAARALSTRNDEPTRASRPWDRDRDGFVLSDGSGALV
LEELEHARARGARIYAELVGFGMSGDAFHMTAPPEDGAGAARCMKNALRDAGLDPRQVDYINAHGTSTPAGDIAEIAAVK
SVFGEHAHALSMSSTKSMTGHLLGAAGAVEAIFSVLALRDQVAPPTINLDNPDEGCDLDLVAHEAKPRKIDVALSNSFGF
GGTNGTLVFRRFAD
;
_entity_poly.pdbx_strand_id   A,B
#
loop_
_chem_comp.id
_chem_comp.type
_chem_comp.name
_chem_comp.formula
DMS non-polymer 'DIMETHYL SULFOXIDE' 'C2 H6 O S'
K0Y non-polymer 'methyl N-(5-methyl-1,2-oxazole-3-carbonyl)glycinate' 'C8 H10 N2 O4'
PO4 non-polymer 'PHOSPHATE ION' 'O4 P -3'
#
# COMPACT_ATOMS: atom_id res chain seq x y z
N SER A 2 -2.54 -23.53 12.64
CA SER A 2 -1.10 -23.72 12.21
C SER A 2 -0.98 -23.52 10.68
N ARG A 3 0.23 -23.25 10.19
CA ARG A 3 0.47 -22.57 8.88
C ARG A 3 0.08 -23.44 7.67
N ARG A 4 -0.87 -22.98 6.86
CA ARG A 4 -1.38 -23.75 5.72
C ARG A 4 -0.50 -23.51 4.49
N ARG A 5 -0.50 -24.47 3.58
CA ARG A 5 0.23 -24.40 2.31
C ARG A 5 -0.58 -23.60 1.29
N VAL A 6 0.15 -22.97 0.35
CA VAL A 6 -0.40 -22.01 -0.64
C VAL A 6 0.13 -22.36 -2.03
N VAL A 7 -0.79 -22.46 -2.97
CA VAL A 7 -0.48 -22.82 -4.38
C VAL A 7 -1.05 -21.77 -5.32
N ILE A 8 -0.55 -21.80 -6.55
CA ILE A 8 -0.95 -20.88 -7.63
C ILE A 8 -1.89 -21.66 -8.56
N THR A 9 -3.12 -21.20 -8.70
CA THR A 9 -4.15 -21.90 -9.49
C THR A 9 -4.63 -21.03 -10.65
N GLY A 10 -4.14 -19.78 -10.80
CA GLY A 10 -4.58 -18.87 -11.88
C GLY A 10 -3.59 -17.74 -12.05
N MET A 11 -3.33 -17.32 -13.29
CA MET A 11 -2.45 -16.16 -13.53
C MET A 11 -3.00 -15.33 -14.68
N GLY A 12 -2.72 -14.03 -14.64
CA GLY A 12 -3.19 -13.06 -15.63
C GLY A 12 -2.13 -12.02 -15.82
N MET A 13 -2.06 -11.44 -17.01
CA MET A 13 -0.99 -10.47 -17.32
C MET A 13 -1.38 -9.52 -18.47
N LEU A 14 -0.98 -8.25 -18.33
CA LEU A 14 -0.69 -7.35 -19.46
C LEU A 14 0.79 -6.97 -19.38
N SER A 15 1.52 -7.14 -20.47
CA SER A 15 2.95 -6.74 -20.49
C SER A 15 3.26 -6.05 -21.81
N PRO A 16 4.48 -5.48 -21.94
CA PRO A 16 4.95 -4.99 -23.25
C PRO A 16 5.06 -6.09 -24.32
N LEU A 17 4.94 -7.38 -23.96
CA LEU A 17 5.16 -8.49 -24.91
C LEU A 17 3.82 -9.17 -25.26
N GLY A 18 2.70 -8.80 -24.62
CA GLY A 18 1.40 -9.45 -24.92
C GLY A 18 0.26 -9.04 -24.01
N LEU A 19 -0.96 -9.31 -24.43
CA LEU A 19 -2.21 -8.93 -23.71
C LEU A 19 -2.67 -10.05 -22.76
N ASP A 20 -1.88 -11.11 -22.62
CA ASP A 20 -2.16 -12.20 -21.66
C ASP A 20 -0.84 -12.89 -21.27
N VAL A 21 -0.95 -13.94 -20.48
CA VAL A 21 0.23 -14.70 -20.00
C VAL A 21 0.85 -15.49 -21.15
N PRO A 22 0.10 -16.35 -21.90
CA PRO A 22 0.75 -17.21 -22.90
C PRO A 22 1.48 -16.42 -23.99
N SER A 23 0.90 -15.31 -24.49
CA SER A 23 1.52 -14.46 -25.54
C SER A 23 2.78 -13.80 -24.96
N SER A 24 2.73 -13.31 -23.71
CA SER A 24 3.88 -12.66 -23.03
C SER A 24 5.01 -13.68 -22.86
N TRP A 25 4.68 -14.91 -22.43
CA TRP A 25 5.66 -16.00 -22.14
C TRP A 25 6.35 -16.47 -23.43
N GLU A 26 5.58 -16.59 -24.52
N GLU A 26 5.57 -16.61 -24.51
CA GLU A 26 6.14 -16.93 -25.87
CA GLU A 26 6.08 -16.91 -25.89
C GLU A 26 7.19 -15.89 -26.25
C GLU A 26 7.17 -15.89 -26.24
N GLY A 27 6.91 -14.60 -25.99
CA GLY A 27 7.89 -13.53 -26.23
C GLY A 27 9.13 -13.71 -25.38
N ILE A 28 8.93 -14.00 -24.08
CA ILE A 28 10.04 -14.17 -23.10
C ILE A 28 10.95 -15.29 -23.61
N LEU A 29 10.37 -16.41 -24.04
CA LEU A 29 11.17 -17.63 -24.42
C LEU A 29 11.86 -17.40 -25.77
N ALA A 30 11.35 -16.49 -26.60
CA ALA A 30 11.92 -16.21 -27.94
C ALA A 30 12.86 -15.02 -27.87
N GLY A 31 13.07 -14.45 -26.68
CA GLY A 31 14.07 -13.38 -26.51
C GLY A 31 13.60 -12.09 -27.16
N ARG A 32 12.29 -11.90 -27.30
CA ARG A 32 11.73 -10.74 -28.03
C ARG A 32 11.67 -9.55 -27.06
N SER A 33 11.99 -8.33 -27.53
CA SER A 33 11.87 -7.06 -26.76
C SER A 33 10.47 -6.44 -26.92
N GLY A 34 9.92 -5.87 -25.83
CA GLY A 34 8.65 -5.13 -25.84
C GLY A 34 8.92 -3.63 -25.86
N ILE A 35 10.16 -3.21 -26.05
CA ILE A 35 10.55 -1.78 -25.86
C ILE A 35 10.51 -1.06 -27.21
N ALA A 36 9.96 0.14 -27.24
CA ALA A 36 9.74 0.89 -28.50
C ALA A 36 9.60 2.36 -28.17
N PRO A 37 9.86 3.26 -29.14
CA PRO A 37 9.57 4.68 -28.95
C PRO A 37 8.11 4.80 -28.51
N ILE A 38 7.86 5.63 -27.52
CA ILE A 38 6.52 5.86 -26.96
C ILE A 38 5.75 6.73 -27.98
N GLU A 39 4.52 6.31 -28.29
CA GLU A 39 3.66 6.95 -29.32
C GLU A 39 2.55 7.81 -28.69
N HIS A 40 2.11 7.50 -27.47
CA HIS A 40 0.87 8.07 -26.85
C HIS A 40 1.07 9.53 -26.41
N MET A 41 2.28 10.09 -26.50
CA MET A 41 2.54 11.52 -26.16
C MET A 41 3.84 11.97 -26.82
N ASP A 42 4.07 13.28 -26.86
CA ASP A 42 5.22 13.96 -27.49
C ASP A 42 6.38 14.03 -26.49
N LEU A 43 7.46 13.27 -26.70
CA LEU A 43 8.57 13.23 -25.71
C LEU A 43 9.80 13.94 -26.27
N SER A 44 9.68 14.84 -27.26
CA SER A 44 10.87 15.48 -27.91
C SER A 44 11.67 16.29 -26.88
N ALA A 45 11.03 16.85 -25.86
CA ALA A 45 11.72 17.66 -24.82
C ALA A 45 12.32 16.74 -23.71
N TYR A 46 12.09 15.43 -23.78
CA TYR A 46 12.56 14.48 -22.72
C TYR A 46 13.89 13.83 -23.14
N SER A 47 14.72 13.43 -22.17
CA SER A 47 16.01 12.75 -22.45
C SER A 47 15.77 11.26 -22.74
N THR A 48 14.58 10.72 -22.40
CA THR A 48 14.19 9.33 -22.73
C THR A 48 12.83 9.35 -23.44
N ARG A 49 12.70 8.66 -24.57
CA ARG A 49 11.50 8.77 -25.44
C ARG A 49 10.95 7.40 -25.80
N PHE A 50 11.40 6.38 -25.10
CA PHE A 50 10.95 4.99 -25.33
C PHE A 50 10.66 4.36 -23.96
N GLY A 51 10.00 3.20 -24.01
CA GLY A 51 9.63 2.38 -22.86
C GLY A 51 8.89 1.15 -23.32
N GLY A 52 8.39 0.36 -22.37
CA GLY A 52 7.55 -0.82 -22.66
C GLY A 52 6.10 -0.45 -22.50
N SER A 53 5.43 -0.16 -23.61
CA SER A 53 3.98 0.18 -23.62
C SER A 53 3.22 -1.13 -23.73
N VAL A 54 2.01 -1.15 -23.23
CA VAL A 54 1.05 -2.25 -23.53
C VAL A 54 0.47 -1.91 -24.90
N LYS A 55 0.54 -2.83 -25.87
CA LYS A 55 0.14 -2.53 -27.27
C LYS A 55 -1.23 -3.16 -27.54
N GLY A 56 -2.19 -2.34 -27.94
CA GLY A 56 -3.51 -2.78 -28.44
C GLY A 56 -4.42 -3.26 -27.32
N PHE A 57 -4.22 -2.77 -26.10
CA PHE A 57 -5.08 -3.09 -24.94
C PHE A 57 -6.52 -2.73 -25.32
N ASN A 58 -7.44 -3.68 -25.21
CA ASN A 58 -8.88 -3.39 -25.40
C ASN A 58 -9.64 -3.58 -24.08
N VAL A 59 -9.88 -2.47 -23.37
CA VAL A 59 -10.59 -2.48 -22.07
C VAL A 59 -12.01 -3.06 -22.24
N GLU A 60 -12.60 -2.99 -23.44
CA GLU A 60 -13.97 -3.53 -23.69
C GLU A 60 -13.98 -5.04 -23.82
N GLU A 61 -12.82 -5.70 -23.61
CA GLU A 61 -12.76 -7.16 -23.31
C GLU A 61 -13.15 -7.41 -21.85
N TYR A 62 -13.19 -6.40 -21.00
CA TYR A 62 -13.21 -6.59 -19.52
C TYR A 62 -14.31 -5.76 -18.89
N LEU A 63 -14.51 -4.54 -19.38
CA LEU A 63 -15.36 -3.51 -18.71
C LEU A 63 -16.18 -2.79 -19.77
N SER A 64 -17.39 -2.38 -19.39
CA SER A 64 -18.25 -1.44 -20.16
C SER A 64 -17.46 -0.14 -20.39
N ALA A 65 -17.59 0.49 -21.56
CA ALA A 65 -16.81 1.70 -21.89
C ALA A 65 -17.19 2.80 -20.88
N LYS A 66 -18.35 2.65 -20.24
CA LYS A 66 -18.91 3.62 -19.26
C LYS A 66 -18.14 3.56 -17.95
N GLU A 67 -17.81 2.35 -17.48
N GLU A 67 -17.81 2.35 -17.47
CA GLU A 67 -17.01 2.12 -16.25
CA GLU A 67 -16.98 2.18 -16.26
C GLU A 67 -15.54 2.47 -16.53
C GLU A 67 -15.54 2.56 -16.58
N ALA A 68 -15.01 2.03 -17.68
CA ALA A 68 -13.58 2.22 -18.05
C ALA A 68 -13.17 3.70 -18.10
N ARG A 69 -14.08 4.57 -18.57
N ARG A 69 -14.07 4.58 -18.56
CA ARG A 69 -13.81 6.02 -18.76
CA ARG A 69 -13.77 6.02 -18.77
C ARG A 69 -13.47 6.67 -17.41
C ARG A 69 -13.51 6.70 -17.41
N LYS A 70 -14.01 6.13 -16.31
CA LYS A 70 -13.77 6.67 -14.94
C LYS A 70 -12.38 6.28 -14.39
N LEU A 71 -11.65 5.34 -15.00
CA LEU A 71 -10.51 4.62 -14.34
C LEU A 71 -9.20 4.98 -15.02
N ASP A 72 -8.17 5.32 -14.25
CA ASP A 72 -6.78 5.43 -14.76
C ASP A 72 -6.39 4.12 -15.44
N LEU A 73 -5.54 4.21 -16.47
CA LEU A 73 -4.98 3.02 -17.14
C LEU A 73 -4.41 2.02 -16.13
N PHE A 74 -3.74 2.42 -15.03
CA PHE A 74 -3.12 1.41 -14.11
C PHE A 74 -4.24 0.56 -13.49
N ILE A 75 -5.41 1.16 -13.23
CA ILE A 75 -6.55 0.40 -12.67
C ILE A 75 -7.12 -0.49 -13.76
N GLN A 76 -7.28 0.00 -14.98
CA GLN A 76 -7.77 -0.85 -16.11
C GLN A 76 -6.83 -2.05 -16.23
N TYR A 77 -5.52 -1.80 -16.16
CA TYR A 77 -4.51 -2.86 -16.39
C TYR A 77 -4.60 -3.89 -15.26
N GLY A 78 -4.74 -3.42 -14.02
CA GLY A 78 -4.88 -4.30 -12.84
C GLY A 78 -6.11 -5.20 -12.93
N LEU A 79 -7.24 -4.62 -13.32
CA LEU A 79 -8.54 -5.34 -13.45
C LEU A 79 -8.42 -6.40 -14.55
N ALA A 80 -7.77 -6.07 -15.66
CA ALA A 80 -7.62 -7.00 -16.80
C ALA A 80 -6.81 -8.21 -16.33
N ALA A 81 -5.66 -7.99 -15.69
CA ALA A 81 -4.82 -9.12 -15.25
C ALA A 81 -5.58 -9.93 -14.19
N SER A 82 -6.26 -9.27 -13.25
CA SER A 82 -7.06 -9.93 -12.18
C SER A 82 -8.18 -10.79 -12.79
N PHE A 83 -8.95 -10.24 -13.73
CA PHE A 83 -10.03 -11.00 -14.43
C PHE A 83 -9.43 -12.24 -15.09
N GLN A 84 -8.32 -12.09 -15.83
CA GLN A 84 -7.66 -13.23 -16.51
C GLN A 84 -7.31 -14.28 -15.47
N ALA A 85 -6.73 -13.86 -14.35
CA ALA A 85 -6.24 -14.78 -13.30
C ALA A 85 -7.43 -15.59 -12.73
N VAL A 86 -8.51 -14.91 -12.39
CA VAL A 86 -9.71 -15.58 -11.80
C VAL A 86 -10.30 -16.58 -12.80
N ARG A 87 -10.46 -16.15 -14.05
N ARG A 87 -10.47 -16.16 -14.06
CA ARG A 87 -10.98 -17.02 -15.15
CA ARG A 87 -11.01 -17.06 -15.13
C ARG A 87 -10.06 -18.23 -15.26
C ARG A 87 -10.07 -18.26 -15.28
N ASP A 88 -8.75 -18.01 -15.32
CA ASP A 88 -7.73 -19.08 -15.45
C ASP A 88 -7.83 -20.05 -14.26
N SER A 89 -8.24 -19.59 -13.07
CA SER A 89 -8.28 -20.44 -11.85
C SER A 89 -9.43 -21.45 -11.92
N GLY A 90 -10.48 -21.18 -12.71
CA GLY A 90 -11.74 -21.96 -12.73
C GLY A 90 -12.57 -21.76 -11.45
N LEU A 91 -12.17 -20.85 -10.57
CA LEU A 91 -12.85 -20.69 -9.26
C LEU A 91 -14.21 -20.04 -9.50
N GLU A 92 -15.25 -20.54 -8.83
CA GLU A 92 -16.62 -19.99 -8.84
C GLU A 92 -16.87 -19.31 -7.50
N VAL A 93 -17.24 -18.04 -7.55
CA VAL A 93 -17.56 -17.24 -6.35
C VAL A 93 -19.03 -17.48 -6.00
N THR A 94 -19.31 -17.77 -4.74
CA THR A 94 -20.65 -18.12 -4.23
C THR A 94 -20.83 -17.54 -2.83
N ASP A 95 -22.07 -17.55 -2.35
CA ASP A 95 -22.39 -17.12 -0.97
C ASP A 95 -21.57 -17.93 0.03
N ALA A 96 -21.23 -19.17 -0.26
CA ALA A 96 -20.52 -20.09 0.66
C ALA A 96 -19.03 -19.68 0.79
N ASN A 97 -18.42 -19.07 -0.23
CA ASN A 97 -16.94 -18.85 -0.23
C ASN A 97 -16.57 -17.36 -0.41
N ARG A 98 -17.51 -16.46 -0.69
CA ARG A 98 -17.15 -15.05 -1.05
C ARG A 98 -16.50 -14.31 0.13
N GLU A 99 -16.75 -14.71 1.37
CA GLU A 99 -16.13 -14.06 2.55
C GLU A 99 -14.68 -14.52 2.73
N ARG A 100 -14.28 -15.58 2.02
CA ARG A 100 -12.96 -16.25 2.21
C ARG A 100 -12.07 -15.95 1.00
N ILE A 101 -12.50 -15.06 0.11
CA ILE A 101 -11.73 -14.65 -1.09
C ILE A 101 -11.50 -13.14 -1.01
N GLY A 102 -10.24 -12.71 -0.98
CA GLY A 102 -9.88 -11.29 -0.95
C GLY A 102 -8.98 -10.93 -2.12
N VAL A 103 -8.45 -9.71 -2.10
CA VAL A 103 -7.61 -9.18 -3.19
C VAL A 103 -6.57 -8.24 -2.59
N SER A 104 -5.34 -8.31 -3.12
CA SER A 104 -4.22 -7.40 -2.80
C SER A 104 -3.49 -7.09 -4.10
N MET A 105 -3.98 -6.11 -4.82
CA MET A 105 -3.39 -5.59 -6.05
C MET A 105 -2.84 -4.21 -5.73
N GLY A 106 -1.53 -4.05 -5.92
CA GLY A 106 -0.80 -2.84 -5.54
C GLY A 106 -0.31 -2.06 -6.75
N SER A 107 0.30 -0.93 -6.49
CA SER A 107 0.95 -0.10 -7.51
C SER A 107 2.04 0.76 -6.85
N GLY A 108 3.11 1.05 -7.60
CA GLY A 108 4.21 1.90 -7.09
C GLY A 108 3.76 3.34 -6.99
N ILE A 109 3.15 3.84 -8.07
CA ILE A 109 2.86 5.28 -8.29
C ILE A 109 1.35 5.49 -8.43
N GLY A 110 0.61 4.53 -9.00
CA GLY A 110 -0.84 4.64 -9.21
C GLY A 110 -1.16 5.63 -10.33
N GLY A 111 -2.16 6.48 -10.14
CA GLY A 111 -2.90 7.11 -11.24
C GLY A 111 -2.26 8.41 -11.69
N LEU A 112 -0.99 8.36 -12.08
CA LEU A 112 -0.17 9.59 -12.28
C LEU A 112 -0.67 10.31 -13.54
N THR A 113 -1.01 9.58 -14.60
CA THR A 113 -1.63 10.11 -15.85
C THR A 113 -2.91 10.86 -15.50
N ASN A 114 -3.81 10.18 -14.78
CA ASN A 114 -5.09 10.80 -14.35
C ASN A 114 -4.79 12.09 -13.58
N ILE A 115 -3.87 12.03 -12.63
CA ILE A 115 -3.61 13.16 -11.70
C ILE A 115 -3.00 14.31 -12.52
N GLU A 116 -2.08 13.98 -13.42
CA GLU A 116 -1.42 14.96 -14.31
C GLU A 116 -2.52 15.71 -15.08
N ASN A 117 -3.38 14.98 -15.80
CA ASN A 117 -4.46 15.54 -16.65
C ASN A 117 -5.41 16.42 -15.84
N ASN A 118 -5.75 16.01 -14.62
CA ASN A 118 -6.66 16.80 -13.76
C ASN A 118 -5.90 18.01 -13.22
N CYS A 119 -4.58 17.90 -13.02
CA CYS A 119 -3.72 19.06 -12.65
C CYS A 119 -3.71 20.09 -13.80
N ARG A 120 -3.62 19.63 -15.04
CA ARG A 120 -3.66 20.50 -16.24
C ARG A 120 -5.00 21.27 -16.25
N SER A 121 -6.14 20.57 -16.19
CA SER A 121 -7.51 21.14 -16.03
C SER A 121 -7.58 22.17 -14.89
N LEU A 122 -7.18 21.78 -13.69
CA LEU A 122 -7.20 22.66 -12.50
C LEU A 122 -6.49 23.98 -12.83
N PHE A 123 -5.29 23.93 -13.39
CA PHE A 123 -4.41 25.11 -13.60
C PHE A 123 -4.91 25.99 -14.75
N GLU A 124 -5.33 25.38 -15.87
CA GLU A 124 -5.71 26.11 -17.12
C GLU A 124 -7.17 26.59 -17.01
N GLN A 125 -8.03 25.85 -16.30
CA GLN A 125 -9.52 26.02 -16.39
C GLN A 125 -10.23 26.08 -15.03
N GLY A 126 -9.58 25.76 -13.92
CA GLY A 126 -10.18 25.87 -12.58
C GLY A 126 -10.68 24.54 -12.01
N PRO A 127 -11.02 24.54 -10.70
CA PRO A 127 -11.37 23.30 -10.00
C PRO A 127 -12.66 22.70 -10.52
N ARG A 128 -13.56 23.49 -11.11
CA ARG A 128 -14.88 22.98 -11.56
C ARG A 128 -14.67 22.04 -12.77
N ARG A 129 -13.46 21.95 -13.34
CA ARG A 129 -13.23 21.02 -14.48
C ARG A 129 -12.54 19.74 -14.00
N ILE A 130 -12.24 19.59 -12.71
CA ILE A 130 -11.71 18.30 -12.17
C ILE A 130 -12.82 17.25 -12.28
N SER A 131 -12.48 16.05 -12.79
CA SER A 131 -13.43 14.93 -12.93
C SER A 131 -14.00 14.57 -11.57
N PRO A 132 -15.33 14.35 -11.46
CA PRO A 132 -15.94 13.76 -10.28
C PRO A 132 -15.35 12.40 -9.88
N PHE A 133 -14.73 11.71 -10.83
CA PHE A 133 -14.18 10.34 -10.61
C PHE A 133 -12.68 10.41 -10.32
N PHE A 134 -12.12 11.62 -10.17
CA PHE A 134 -10.68 11.85 -9.92
C PHE A 134 -10.14 10.99 -8.78
N VAL A 135 -10.73 11.03 -7.59
CA VAL A 135 -10.19 10.25 -6.43
C VAL A 135 -10.40 8.75 -6.65
N PRO A 136 -11.64 8.22 -6.76
CA PRO A 136 -11.84 6.77 -6.91
C PRO A 136 -11.20 6.22 -8.20
N GLY A 137 -10.97 7.08 -9.19
CA GLY A 137 -10.38 6.64 -10.47
C GLY A 137 -8.86 6.67 -10.45
N SER A 138 -8.21 7.18 -9.40
CA SER A 138 -6.74 7.42 -9.41
C SER A 138 -6.05 6.75 -8.25
N ILE A 139 -6.72 6.49 -7.13
CA ILE A 139 -6.02 6.02 -5.89
C ILE A 139 -5.77 4.51 -5.96
N ILE A 140 -4.68 4.08 -5.33
CA ILE A 140 -4.02 2.78 -5.63
C ILE A 140 -4.91 1.60 -5.21
N ASN A 141 -5.74 1.77 -4.17
CA ASN A 141 -6.54 0.64 -3.59
C ASN A 141 -7.75 0.26 -4.46
N MET A 142 -7.97 0.95 -5.58
CA MET A 142 -9.23 0.80 -6.34
C MET A 142 -9.14 -0.38 -7.32
N VAL A 143 -7.97 -0.97 -7.55
CA VAL A 143 -7.95 -2.26 -8.27
C VAL A 143 -8.64 -3.30 -7.38
N SER A 144 -8.15 -3.42 -6.15
CA SER A 144 -8.75 -4.25 -5.08
C SER A 144 -10.24 -3.90 -4.95
N GLY A 145 -10.55 -2.61 -4.88
CA GLY A 145 -11.93 -2.12 -4.70
C GLY A 145 -12.85 -2.58 -5.82
N PHE A 146 -12.51 -2.25 -7.07
CA PHE A 146 -13.36 -2.49 -8.27
C PHE A 146 -13.41 -3.99 -8.52
N LEU A 147 -12.31 -4.72 -8.26
CA LEU A 147 -12.32 -6.17 -8.48
C LEU A 147 -13.33 -6.79 -7.51
N SER A 148 -13.29 -6.41 -6.24
N SER A 148 -13.29 -6.42 -6.23
CA SER A 148 -14.19 -6.94 -5.18
CA SER A 148 -14.20 -6.92 -5.18
C SER A 148 -15.66 -6.65 -5.56
C SER A 148 -15.65 -6.66 -5.58
N ILE A 149 -15.96 -5.43 -6.04
CA ILE A 149 -17.33 -5.03 -6.44
C ILE A 149 -17.83 -5.89 -7.61
N HIS A 150 -17.03 -6.08 -8.66
CA HIS A 150 -17.45 -6.79 -9.90
C HIS A 150 -17.56 -8.31 -9.66
N LEU A 151 -16.69 -8.90 -8.81
CA LEU A 151 -16.73 -10.38 -8.60
C LEU A 151 -17.45 -10.76 -7.31
N GLY A 152 -17.69 -9.82 -6.40
CA GLY A 152 -18.35 -10.07 -5.10
C GLY A 152 -17.40 -10.71 -4.09
N LEU A 153 -16.14 -10.22 -4.03
CA LEU A 153 -15.10 -10.72 -3.09
C LEU A 153 -15.22 -9.94 -1.77
N GLN A 154 -15.47 -10.65 -0.68
CA GLN A 154 -15.74 -9.98 0.63
C GLN A 154 -14.61 -10.29 1.61
N GLY A 155 -13.57 -10.99 1.16
CA GLY A 155 -12.38 -11.24 1.98
C GLY A 155 -11.53 -10.00 2.23
N PRO A 156 -10.34 -10.19 2.85
CA PRO A 156 -9.39 -9.11 3.05
C PRO A 156 -9.19 -8.33 1.73
N ASN A 157 -9.35 -7.03 1.82
CA ASN A 157 -9.32 -6.11 0.66
C ASN A 157 -8.31 -5.02 0.96
N TYR A 158 -7.15 -5.04 0.30
CA TYR A 158 -6.10 -4.03 0.57
C TYR A 158 -5.17 -3.86 -0.62
N ALA A 159 -4.19 -2.98 -0.46
CA ALA A 159 -3.26 -2.61 -1.54
C ALA A 159 -1.95 -2.19 -0.90
N LEU A 160 -0.86 -2.71 -1.41
CA LEU A 160 0.51 -2.33 -0.98
C LEU A 160 1.02 -1.29 -1.96
N THR A 161 1.92 -0.46 -1.47
CA THR A 161 2.67 0.46 -2.36
C THR A 161 4.09 0.53 -1.80
N THR A 162 4.97 -0.29 -2.36
CA THR A 162 6.40 -0.38 -1.93
C THR A 162 7.27 -0.20 -3.17
N ALA A 163 6.89 0.79 -3.97
CA ALA A 163 7.65 1.21 -5.16
C ALA A 163 7.93 -0.03 -6.00
N GLN A 164 9.18 -0.30 -6.37
CA GLN A 164 9.52 -1.37 -7.34
C GLN A 164 9.44 -2.77 -6.71
N THR A 165 9.09 -2.85 -5.43
CA THR A 165 8.94 -4.13 -4.69
C THR A 165 7.46 -4.52 -4.58
N THR A 166 6.56 -3.64 -5.00
CA THR A 166 5.11 -3.76 -4.70
C THR A 166 4.56 -5.15 -5.06
N GLY A 167 4.84 -5.65 -6.27
CA GLY A 167 4.24 -6.89 -6.79
C GLY A 167 4.65 -8.09 -5.93
N THR A 168 5.90 -8.11 -5.52
CA THR A 168 6.49 -9.21 -4.74
C THR A 168 5.87 -9.19 -3.33
N HIS A 169 5.87 -8.04 -2.68
CA HIS A 169 5.25 -7.85 -1.35
C HIS A 169 3.76 -8.21 -1.39
N SER A 170 3.04 -7.82 -2.45
CA SER A 170 1.59 -8.06 -2.56
C SER A 170 1.33 -9.56 -2.56
N ILE A 171 2.09 -10.27 -3.40
CA ILE A 171 1.96 -11.74 -3.50
C ILE A 171 2.34 -12.39 -2.16
N GLY A 172 3.49 -12.05 -1.56
CA GLY A 172 3.98 -12.68 -0.33
C GLY A 172 3.00 -12.54 0.83
N MET A 173 2.52 -11.30 1.06
N MET A 173 2.50 -11.32 1.06
CA MET A 173 1.60 -10.96 2.17
CA MET A 173 1.59 -11.01 2.19
C MET A 173 0.21 -11.58 1.91
C MET A 173 0.20 -11.58 1.91
N ALA A 174 -0.22 -11.64 0.64
CA ALA A 174 -1.47 -12.37 0.27
C ALA A 174 -1.32 -13.85 0.65
N ALA A 175 -0.15 -14.45 0.42
CA ALA A 175 0.12 -15.87 0.79
C ALA A 175 0.03 -16.02 2.31
N ARG A 176 0.62 -15.10 3.06
CA ARG A 176 0.52 -15.08 4.54
C ARG A 176 -0.93 -15.05 4.99
N ASN A 177 -1.77 -14.23 4.34
CA ASN A 177 -3.22 -14.19 4.64
C ASN A 177 -3.76 -15.62 4.62
N ILE A 178 -3.45 -16.35 3.56
CA ILE A 178 -4.00 -17.73 3.37
C ILE A 178 -3.30 -18.67 4.35
N ALA A 179 -1.98 -18.53 4.50
CA ALA A 179 -1.18 -19.39 5.39
C ALA A 179 -1.79 -19.36 6.81
N TYR A 180 -2.13 -18.18 7.31
CA TYR A 180 -2.56 -17.94 8.71
C TYR A 180 -4.08 -18.09 8.87
N GLY A 181 -4.83 -18.41 7.81
CA GLY A 181 -6.29 -18.68 7.89
C GLY A 181 -7.18 -17.47 7.71
N GLU A 182 -6.64 -16.31 7.31
CA GLU A 182 -7.45 -15.05 7.17
C GLU A 182 -8.27 -15.13 5.87
N ALA A 183 -7.87 -15.98 4.93
CA ALA A 183 -8.57 -16.16 3.65
C ALA A 183 -8.22 -17.53 3.13
N ASP A 184 -9.02 -18.06 2.23
CA ASP A 184 -8.68 -19.31 1.54
C ASP A 184 -8.16 -19.01 0.13
N VAL A 185 -8.52 -17.85 -0.42
CA VAL A 185 -8.17 -17.44 -1.80
C VAL A 185 -7.83 -15.95 -1.76
N MET A 186 -6.76 -15.58 -2.45
CA MET A 186 -6.38 -14.16 -2.63
C MET A 186 -6.02 -13.95 -4.11
N VAL A 187 -6.51 -12.85 -4.69
CA VAL A 187 -6.00 -12.35 -5.98
C VAL A 187 -4.94 -11.29 -5.64
N ALA A 188 -3.68 -11.51 -6.02
CA ALA A 188 -2.58 -10.61 -5.61
C ALA A 188 -1.64 -10.37 -6.79
N GLY A 189 -1.03 -9.20 -6.78
CA GLY A 189 -0.07 -8.77 -7.81
C GLY A 189 -0.03 -7.27 -7.82
N GLY A 190 0.15 -6.70 -8.99
CA GLY A 190 0.24 -5.24 -9.09
C GLY A 190 0.11 -4.75 -10.51
N SER A 191 0.01 -3.43 -10.66
CA SER A 191 -0.21 -2.79 -11.97
C SER A 191 0.46 -1.42 -11.93
N GLU A 192 0.89 -0.99 -13.10
CA GLU A 192 1.58 0.29 -13.24
C GLU A 192 1.37 0.85 -14.63
N MET A 193 1.18 2.17 -14.69
N MET A 193 1.21 2.18 -14.68
CA MET A 193 1.25 2.96 -15.95
CA MET A 193 1.19 2.99 -15.92
C MET A 193 1.74 4.36 -15.59
C MET A 193 1.73 4.37 -15.56
N ALA A 194 3.06 4.51 -15.52
CA ALA A 194 3.71 5.74 -15.07
C ALA A 194 4.27 6.48 -16.29
N ALA A 195 3.93 6.07 -17.52
CA ALA A 195 4.48 6.70 -18.74
C ALA A 195 3.67 7.96 -19.06
N CYS A 196 3.83 8.97 -18.22
CA CYS A 196 3.32 10.36 -18.48
C CYS A 196 4.46 11.35 -18.29
N GLY A 197 4.21 12.63 -18.52
CA GLY A 197 5.26 13.64 -18.43
C GLY A 197 5.94 13.57 -17.08
N LEU A 198 5.15 13.43 -16.03
CA LEU A 198 5.70 13.41 -14.65
C LEU A 198 6.56 12.18 -14.45
N GLY A 199 6.12 11.02 -14.93
CA GLY A 199 6.85 9.75 -14.77
C GLY A 199 8.19 9.80 -15.49
N LEU A 200 8.15 10.03 -16.78
CA LEU A 200 9.39 10.02 -17.60
C LEU A 200 10.23 11.22 -17.21
N GLY A 201 9.60 12.37 -16.97
CA GLY A 201 10.29 13.59 -16.51
C GLY A 201 10.91 13.38 -15.14
N GLY A 202 10.18 12.76 -14.22
CA GLY A 202 10.64 12.58 -12.83
C GLY A 202 11.82 11.62 -12.78
N PHE A 203 11.67 10.43 -13.36
CA PHE A 203 12.81 9.48 -13.39
C PHE A 203 13.96 10.08 -14.21
N GLY A 204 13.61 10.78 -15.30
CA GLY A 204 14.58 11.57 -16.09
C GLY A 204 15.35 12.55 -15.22
N ALA A 205 14.68 13.34 -14.39
CA ALA A 205 15.36 14.33 -13.53
C ALA A 205 16.38 13.64 -12.63
N ALA A 206 16.11 12.39 -12.23
CA ALA A 206 17.01 11.63 -11.32
C ALA A 206 18.14 10.97 -12.12
N ARG A 207 18.07 11.00 -13.45
CA ARG A 207 19.08 10.40 -14.36
C ARG A 207 19.14 8.88 -14.15
N ALA A 208 18.00 8.27 -13.82
CA ALA A 208 17.85 6.82 -13.52
C ALA A 208 17.54 6.00 -14.78
N LEU A 209 17.08 6.63 -15.86
CA LEU A 209 16.59 5.97 -17.12
C LEU A 209 17.71 5.83 -18.13
N SER A 210 17.74 4.72 -18.86
CA SER A 210 18.53 4.60 -20.10
C SER A 210 18.09 5.72 -21.04
N THR A 211 19.05 6.37 -21.69
CA THR A 211 18.82 7.41 -22.73
C THR A 211 19.21 6.84 -24.11
N ARG A 212 19.17 5.52 -24.30
CA ARG A 212 19.50 4.89 -25.60
C ARG A 212 18.35 5.04 -26.62
N ASN A 213 17.96 6.26 -26.96
CA ASN A 213 16.78 6.53 -27.81
C ASN A 213 16.95 5.89 -29.19
N ASP A 214 18.16 5.78 -29.72
CA ASP A 214 18.34 5.34 -31.12
C ASP A 214 18.24 3.82 -31.24
N GLU A 215 18.47 3.07 -30.16
CA GLU A 215 18.33 1.60 -30.15
C GLU A 215 17.53 1.16 -28.91
N PRO A 216 16.21 1.44 -28.86
CA PRO A 216 15.39 1.16 -27.68
C PRO A 216 15.42 -0.31 -27.25
N THR A 217 15.47 -1.25 -28.19
CA THR A 217 15.40 -2.70 -27.84
C THR A 217 16.72 -3.13 -27.19
N ARG A 218 17.79 -2.36 -27.33
CA ARG A 218 19.12 -2.70 -26.75
C ARG A 218 19.33 -1.94 -25.43
N ALA A 219 18.39 -1.09 -25.02
CA ALA A 219 18.52 -0.16 -23.87
C ALA A 219 18.68 -0.95 -22.56
N SER A 220 17.76 -1.89 -22.31
CA SER A 220 17.72 -2.69 -21.07
C SER A 220 18.68 -3.86 -21.24
N ARG A 221 19.84 -3.78 -20.59
CA ARG A 221 20.96 -4.73 -20.79
C ARG A 221 21.53 -5.05 -19.40
N PRO A 222 20.75 -5.76 -18.56
CA PRO A 222 21.18 -6.06 -17.20
C PRO A 222 22.54 -6.80 -17.16
N TRP A 223 23.47 -6.30 -16.35
CA TRP A 223 24.85 -6.84 -16.11
C TRP A 223 25.79 -6.56 -17.29
N ASP A 224 25.32 -5.92 -18.37
CA ASP A 224 26.20 -5.56 -19.52
C ASP A 224 27.03 -4.32 -19.14
N ARG A 225 28.31 -4.29 -19.53
CA ARG A 225 29.23 -3.17 -19.16
C ARG A 225 28.71 -1.84 -19.71
N ASP A 226 27.81 -1.82 -20.71
CA ASP A 226 27.34 -0.57 -21.37
C ASP A 226 25.93 -0.17 -20.92
N ARG A 227 25.38 -0.76 -19.84
CA ARG A 227 24.05 -0.40 -19.26
C ARG A 227 24.10 1.03 -18.74
N ASP A 228 22.98 1.75 -18.78
CA ASP A 228 22.96 3.22 -18.48
C ASP A 228 21.63 3.60 -17.82
N GLY A 229 20.96 2.64 -17.18
CA GLY A 229 19.72 2.90 -16.43
C GLY A 229 18.56 2.04 -16.88
N PHE A 230 17.47 2.10 -16.16
CA PHE A 230 16.36 1.18 -16.42
C PHE A 230 15.51 1.78 -17.53
N VAL A 231 14.67 0.92 -18.04
CA VAL A 231 13.64 1.21 -19.07
C VAL A 231 12.29 1.14 -18.40
N LEU A 232 11.48 2.19 -18.54
CA LEU A 232 10.17 2.33 -17.88
C LEU A 232 9.13 1.60 -18.73
N SER A 233 8.35 0.73 -18.09
CA SER A 233 7.40 -0.19 -18.75
C SER A 233 6.10 -0.24 -17.96
N ASP A 234 5.05 -0.63 -18.66
CA ASP A 234 3.67 -0.54 -18.19
C ASP A 234 3.10 -1.95 -18.14
N GLY A 235 2.11 -2.17 -17.28
CA GLY A 235 1.35 -3.43 -17.32
C GLY A 235 0.88 -3.87 -15.95
N SER A 236 0.66 -5.18 -15.81
N SER A 236 0.57 -5.16 -15.83
CA SER A 236 -0.04 -5.79 -14.65
CA SER A 236 0.03 -5.76 -14.59
C SER A 236 0.27 -7.30 -14.60
C SER A 236 0.25 -7.27 -14.59
N GLY A 237 0.40 -7.83 -13.39
CA GLY A 237 0.41 -9.28 -13.13
C GLY A 237 -0.56 -9.54 -12.00
N ALA A 238 -1.34 -10.60 -12.10
CA ALA A 238 -2.23 -11.07 -11.02
C ALA A 238 -2.09 -12.58 -10.94
N LEU A 239 -2.10 -13.10 -9.73
CA LEU A 239 -2.08 -14.54 -9.45
C LEU A 239 -3.26 -14.82 -8.53
N VAL A 240 -3.92 -15.96 -8.72
CA VAL A 240 -4.85 -16.53 -7.73
C VAL A 240 -4.03 -17.47 -6.84
N LEU A 241 -3.92 -17.08 -5.58
CA LEU A 241 -3.26 -17.82 -4.50
C LEU A 241 -4.39 -18.54 -3.78
N GLU A 242 -4.18 -19.80 -3.40
CA GLU A 242 -5.25 -20.66 -2.87
C GLU A 242 -4.67 -21.61 -1.83
N GLU A 243 -5.32 -21.74 -0.69
CA GLU A 243 -4.92 -22.78 0.28
C GLU A 243 -4.93 -24.15 -0.42
N LEU A 244 -3.93 -24.99 -0.13
CA LEU A 244 -3.67 -26.26 -0.85
C LEU A 244 -4.90 -27.17 -0.85
N GLU A 245 -5.45 -27.49 0.33
CA GLU A 245 -6.57 -28.47 0.50
C GLU A 245 -7.81 -27.92 -0.19
N HIS A 246 -8.03 -26.60 -0.12
CA HIS A 246 -9.13 -25.92 -0.84
C HIS A 246 -8.96 -26.16 -2.34
N ALA A 247 -7.74 -26.05 -2.86
CA ALA A 247 -7.46 -26.27 -4.30
C ALA A 247 -7.74 -27.74 -4.65
N ARG A 248 -7.25 -28.65 -3.81
CA ARG A 248 -7.37 -30.12 -4.02
C ARG A 248 -8.84 -30.52 -4.03
N ALA A 249 -9.62 -29.96 -3.09
CA ALA A 249 -11.05 -30.27 -2.87
C ALA A 249 -11.87 -29.91 -4.11
N ARG A 250 -11.49 -28.88 -4.86
CA ARG A 250 -12.29 -28.45 -6.05
C ARG A 250 -11.65 -28.99 -7.34
N GLY A 251 -10.56 -29.76 -7.28
CA GLY A 251 -9.91 -30.35 -8.47
C GLY A 251 -9.16 -29.30 -9.28
N ALA A 252 -8.57 -28.30 -8.62
CA ALA A 252 -7.94 -27.16 -9.32
C ALA A 252 -6.69 -27.66 -10.03
N ARG A 253 -6.36 -27.06 -11.15
CA ARG A 253 -5.01 -27.16 -11.74
C ARG A 253 -4.09 -26.31 -10.86
N ILE A 254 -3.00 -26.90 -10.39
CA ILE A 254 -1.99 -26.20 -9.55
C ILE A 254 -0.74 -25.96 -10.39
N TYR A 255 -0.38 -24.70 -10.58
CA TYR A 255 0.82 -24.35 -11.36
C TYR A 255 2.08 -24.69 -10.56
N ALA A 256 2.12 -24.30 -9.29
CA ALA A 256 3.31 -24.40 -8.43
C ALA A 256 2.89 -24.06 -7.00
N GLU A 257 3.78 -24.32 -6.07
CA GLU A 257 3.56 -23.99 -4.64
C GLU A 257 4.42 -22.77 -4.33
N LEU A 258 3.84 -21.83 -3.57
N LEU A 258 3.85 -21.85 -3.54
CA LEU A 258 4.56 -20.68 -2.97
CA LEU A 258 4.56 -20.68 -2.96
C LEU A 258 5.04 -21.10 -1.57
C LEU A 258 5.03 -21.07 -1.56
N VAL A 259 6.33 -21.40 -1.41
CA VAL A 259 6.88 -22.00 -0.15
C VAL A 259 7.59 -20.95 0.71
N GLY A 260 8.02 -19.81 0.16
CA GLY A 260 8.88 -18.89 0.91
C GLY A 260 8.66 -17.46 0.52
N PHE A 261 8.66 -16.59 1.51
CA PHE A 261 8.56 -15.12 1.33
C PHE A 261 9.52 -14.47 2.32
N GLY A 262 10.35 -13.57 1.81
CA GLY A 262 11.24 -12.75 2.63
C GLY A 262 11.02 -11.29 2.37
N MET A 263 11.24 -10.51 3.40
CA MET A 263 11.33 -9.04 3.32
C MET A 263 12.53 -8.63 4.16
N SER A 264 13.16 -7.55 3.78
CA SER A 264 14.17 -6.88 4.62
C SER A 264 14.22 -5.43 4.16
N GLY A 265 14.67 -4.53 5.04
CA GLY A 265 15.03 -3.15 4.67
C GLY A 265 16.54 -3.04 4.64
N ASP A 266 17.08 -2.40 3.61
CA ASP A 266 18.52 -2.06 3.48
C ASP A 266 18.91 -1.12 4.63
N ALA A 267 18.03 -0.19 4.98
CA ALA A 267 18.31 0.96 5.88
C ALA A 267 19.61 1.64 5.44
N PHE A 268 19.81 1.82 4.14
CA PHE A 268 21.06 2.36 3.56
C PHE A 268 20.79 3.73 2.93
N HIS A 269 19.98 3.80 1.87
CA HIS A 269 19.79 5.04 1.06
C HIS A 269 18.36 5.08 0.48
N MET A 270 17.85 6.29 0.24
CA MET A 270 16.49 6.54 -0.30
C MET A 270 16.32 5.83 -1.64
N THR A 271 17.35 5.84 -2.49
CA THR A 271 17.25 5.33 -3.89
C THR A 271 18.34 4.32 -4.28
N ALA A 272 19.51 4.36 -3.67
CA ALA A 272 20.65 3.52 -4.07
C ALA A 272 20.70 2.25 -3.21
N PRO A 273 20.90 1.08 -3.85
CA PRO A 273 21.11 -0.17 -3.12
C PRO A 273 22.54 -0.16 -2.61
N PRO A 274 22.83 -0.80 -1.47
CA PRO A 274 24.23 -0.90 -1.03
C PRO A 274 24.99 -1.76 -2.05
N GLU A 275 26.25 -1.41 -2.30
CA GLU A 275 27.10 -2.01 -3.37
C GLU A 275 27.24 -3.54 -3.17
N ASP A 276 27.30 -4.00 -1.92
CA ASP A 276 27.51 -5.44 -1.55
C ASP A 276 26.19 -6.23 -1.55
N GLY A 277 25.04 -5.63 -1.83
CA GLY A 277 23.74 -6.34 -1.81
C GLY A 277 23.38 -6.89 -0.43
N ALA A 278 23.85 -6.30 0.67
CA ALA A 278 23.65 -6.80 2.04
C ALA A 278 22.14 -7.02 2.32
N GLY A 279 21.29 -6.07 1.92
CA GLY A 279 19.84 -6.12 2.17
C GLY A 279 19.19 -7.20 1.34
N ALA A 280 19.50 -7.26 0.06
CA ALA A 280 19.06 -8.34 -0.84
C ALA A 280 19.47 -9.72 -0.28
N ALA A 281 20.68 -9.84 0.25
CA ALA A 281 21.18 -11.10 0.82
C ALA A 281 20.35 -11.45 2.08
N ARG A 282 20.12 -10.50 2.97
CA ARG A 282 19.30 -10.74 4.19
C ARG A 282 17.92 -11.22 3.75
N CYS A 283 17.34 -10.55 2.77
CA CYS A 283 15.99 -10.87 2.26
C CYS A 283 15.93 -12.31 1.72
N MET A 284 16.86 -12.69 0.85
CA MET A 284 16.90 -14.06 0.25
C MET A 284 17.02 -15.12 1.34
N LYS A 285 17.90 -14.89 2.33
CA LYS A 285 18.10 -15.85 3.45
C LYS A 285 16.83 -15.98 4.27
N ASN A 286 16.15 -14.88 4.55
CA ASN A 286 14.83 -14.90 5.24
C ASN A 286 13.90 -15.81 4.45
N ALA A 287 13.83 -15.62 3.11
CA ALA A 287 12.87 -16.35 2.24
C ALA A 287 13.23 -17.85 2.23
N LEU A 288 14.51 -18.19 2.21
CA LEU A 288 14.93 -19.62 2.13
C LEU A 288 14.67 -20.29 3.48
N ARG A 289 14.89 -19.61 4.60
CA ARG A 289 14.57 -20.17 5.94
C ARG A 289 13.05 -20.29 6.08
N ASP A 290 12.29 -19.33 5.55
CA ASP A 290 10.81 -19.38 5.50
C ASP A 290 10.36 -20.64 4.74
N ALA A 291 11.07 -21.01 3.67
CA ALA A 291 10.73 -22.20 2.85
C ALA A 291 11.34 -23.50 3.42
N GLY A 292 12.14 -23.46 4.48
CA GLY A 292 12.79 -24.67 5.03
C GLY A 292 13.71 -25.33 4.00
N LEU A 293 14.46 -24.51 3.26
CA LEU A 293 15.27 -25.00 2.12
C LEU A 293 16.76 -24.88 2.45
N ASP A 294 17.52 -25.78 1.85
CA ASP A 294 18.98 -25.67 1.64
C ASP A 294 19.14 -24.71 0.46
N PRO A 295 20.00 -23.67 0.53
CA PRO A 295 20.20 -22.78 -0.62
C PRO A 295 20.60 -23.53 -1.90
N ARG A 296 21.32 -24.66 -1.76
CA ARG A 296 21.70 -25.48 -2.94
C ARG A 296 20.47 -26.00 -3.70
N GLN A 297 19.26 -25.95 -3.14
CA GLN A 297 18.04 -26.44 -3.84
C GLN A 297 17.62 -25.40 -4.88
N VAL A 298 18.10 -24.15 -4.80
CA VAL A 298 17.70 -23.09 -5.77
C VAL A 298 18.32 -23.35 -7.15
N ASP A 299 17.46 -23.51 -8.16
CA ASP A 299 17.81 -23.82 -9.57
C ASP A 299 17.77 -22.55 -10.41
N TYR A 300 16.79 -21.67 -10.17
CA TYR A 300 16.55 -20.48 -11.03
C TYR A 300 16.24 -19.25 -10.16
N ILE A 301 16.85 -18.12 -10.51
CA ILE A 301 16.53 -16.81 -9.89
C ILE A 301 16.08 -15.84 -10.99
N ASN A 302 14.83 -15.40 -10.91
CA ASN A 302 14.37 -14.23 -11.68
C ASN A 302 14.83 -13.02 -10.89
N ALA A 303 15.95 -12.45 -11.33
CA ALA A 303 16.60 -11.29 -10.69
C ALA A 303 15.70 -10.04 -10.79
N HIS A 304 15.89 -9.07 -9.91
CA HIS A 304 15.35 -7.72 -10.13
C HIS A 304 15.98 -7.18 -11.43
N GLY A 305 17.32 -7.17 -11.52
CA GLY A 305 18.06 -6.95 -12.79
C GLY A 305 17.51 -5.78 -13.61
N THR A 306 17.58 -4.57 -13.06
CA THR A 306 16.94 -3.34 -13.62
C THR A 306 17.76 -2.76 -14.78
N SER A 307 19.04 -3.14 -14.92
CA SER A 307 19.99 -2.48 -15.87
C SER A 307 20.46 -1.13 -15.34
N THR A 308 20.53 -0.94 -14.03
CA THR A 308 21.26 0.20 -13.43
C THR A 308 22.67 -0.30 -13.08
N PRO A 309 23.68 0.58 -13.17
CA PRO A 309 25.03 0.25 -12.71
C PRO A 309 25.08 -0.39 -11.33
N ALA A 310 24.62 0.29 -10.28
CA ALA A 310 24.78 -0.17 -8.88
C ALA A 310 23.82 -1.34 -8.58
N GLY A 311 22.59 -1.31 -9.12
CA GLY A 311 21.56 -2.35 -8.85
C GLY A 311 22.04 -3.72 -9.28
N ASP A 312 22.52 -3.84 -10.53
CA ASP A 312 22.88 -5.12 -11.15
C ASP A 312 24.05 -5.74 -10.38
N ILE A 313 25.06 -4.96 -10.07
CA ILE A 313 26.27 -5.50 -9.39
C ILE A 313 25.91 -5.92 -7.94
N ALA A 314 25.08 -5.15 -7.22
CA ALA A 314 24.62 -5.47 -5.85
C ALA A 314 23.99 -6.87 -5.82
N GLU A 315 23.17 -7.19 -6.82
CA GLU A 315 22.49 -8.50 -6.95
C GLU A 315 23.49 -9.62 -7.14
N ILE A 316 24.52 -9.42 -7.98
CA ILE A 316 25.57 -10.47 -8.19
C ILE A 316 26.22 -10.72 -6.82
N ALA A 317 26.56 -9.65 -6.09
CA ALA A 317 27.27 -9.71 -4.79
C ALA A 317 26.40 -10.46 -3.77
N ALA A 318 25.08 -10.18 -3.75
CA ALA A 318 24.11 -10.82 -2.82
C ALA A 318 24.02 -12.31 -3.12
N VAL A 319 23.85 -12.66 -4.39
CA VAL A 319 23.70 -14.07 -4.82
C VAL A 319 24.99 -14.84 -4.49
N LYS A 320 26.17 -14.29 -4.84
CA LYS A 320 27.47 -14.97 -4.54
C LYS A 320 27.59 -15.14 -3.02
N SER A 321 27.18 -14.15 -2.23
CA SER A 321 27.32 -14.20 -0.76
C SER A 321 26.42 -15.32 -0.21
N VAL A 322 25.17 -15.36 -0.69
CA VAL A 322 24.13 -16.27 -0.14
C VAL A 322 24.49 -17.70 -0.58
N PHE A 323 24.82 -17.89 -1.85
CA PHE A 323 24.84 -19.25 -2.42
C PHE A 323 26.26 -19.82 -2.47
N GLY A 324 27.29 -19.00 -2.28
CA GLY A 324 28.68 -19.47 -2.29
C GLY A 324 28.94 -20.23 -3.57
N GLU A 325 29.47 -21.47 -3.50
CA GLU A 325 29.89 -22.23 -4.71
C GLU A 325 28.66 -22.56 -5.57
N HIS A 326 27.50 -22.82 -4.97
CA HIS A 326 26.26 -23.14 -5.73
C HIS A 326 25.84 -21.95 -6.62
N ALA A 327 26.35 -20.74 -6.37
CA ALA A 327 26.08 -19.54 -7.20
C ALA A 327 26.46 -19.80 -8.67
N HIS A 328 27.49 -20.62 -8.92
CA HIS A 328 27.93 -20.99 -10.28
C HIS A 328 27.11 -22.16 -10.85
N ALA A 329 26.17 -22.77 -10.13
CA ALA A 329 25.38 -23.91 -10.66
C ALA A 329 23.96 -23.46 -11.00
N LEU A 330 23.38 -22.54 -10.22
CA LEU A 330 22.00 -22.05 -10.50
C LEU A 330 22.05 -21.17 -11.77
N SER A 331 20.89 -20.95 -12.38
CA SER A 331 20.70 -19.99 -13.49
C SER A 331 19.99 -18.74 -12.98
N MET A 332 20.45 -17.57 -13.39
CA MET A 332 19.83 -16.28 -12.97
C MET A 332 19.66 -15.41 -14.20
N SER A 333 18.47 -14.87 -14.39
CA SER A 333 18.19 -14.02 -15.56
C SER A 333 17.30 -12.85 -15.16
N SER A 334 17.43 -11.77 -15.93
CA SER A 334 16.51 -10.63 -15.85
C SER A 334 15.61 -10.59 -17.11
N THR A 335 14.33 -10.87 -16.91
CA THR A 335 13.30 -10.71 -17.97
C THR A 335 13.08 -9.23 -18.25
N LYS A 336 13.58 -8.33 -17.40
CA LYS A 336 13.55 -6.87 -17.65
C LYS A 336 14.40 -6.53 -18.88
N SER A 337 15.33 -7.42 -19.26
CA SER A 337 16.11 -7.32 -20.52
C SER A 337 15.15 -7.20 -21.69
N MET A 338 13.94 -7.80 -21.58
CA MET A 338 12.91 -7.85 -22.65
C MET A 338 11.69 -6.97 -22.35
N THR A 339 11.23 -6.92 -21.09
CA THR A 339 9.95 -6.28 -20.69
C THR A 339 10.19 -4.84 -20.26
N GLY A 340 11.45 -4.52 -19.93
CA GLY A 340 11.75 -3.32 -19.14
C GLY A 340 11.21 -3.46 -17.73
N HIS A 341 11.19 -2.35 -16.99
CA HIS A 341 10.89 -2.25 -15.55
C HIS A 341 9.45 -1.79 -15.34
N LEU A 342 8.59 -2.72 -14.95
CA LEU A 342 7.14 -2.45 -14.74
C LEU A 342 6.91 -1.88 -13.34
N LEU A 343 7.97 -1.58 -12.61
CA LEU A 343 7.91 -0.84 -11.30
C LEU A 343 7.08 -1.69 -10.34
N GLY A 344 5.93 -1.19 -9.89
CA GLY A 344 5.07 -1.88 -8.90
C GLY A 344 4.56 -3.20 -9.45
N ALA A 345 4.48 -3.33 -10.77
CA ALA A 345 4.00 -4.56 -11.43
C ALA A 345 5.17 -5.49 -11.73
N ALA A 346 6.42 -5.05 -11.59
CA ALA A 346 7.59 -5.90 -11.96
C ALA A 346 7.54 -7.24 -11.20
N GLY A 347 7.34 -7.20 -9.88
CA GLY A 347 7.35 -8.44 -9.09
C GLY A 347 6.19 -9.35 -9.45
N ALA A 348 5.06 -8.80 -9.87
CA ALA A 348 3.87 -9.60 -10.24
C ALA A 348 4.16 -10.36 -11.55
N VAL A 349 4.61 -9.68 -12.61
CA VAL A 349 4.85 -10.41 -13.88
C VAL A 349 6.03 -11.38 -13.69
N GLU A 350 7.04 -10.99 -12.94
CA GLU A 350 8.24 -11.83 -12.73
C GLU A 350 7.87 -13.05 -11.88
N ALA A 351 6.95 -12.93 -10.93
CA ALA A 351 6.46 -14.12 -10.20
C ALA A 351 5.83 -15.09 -11.22
N ILE A 352 5.06 -14.56 -12.18
CA ILE A 352 4.37 -15.43 -13.18
C ILE A 352 5.46 -16.10 -14.04
N PHE A 353 6.50 -15.37 -14.44
CA PHE A 353 7.58 -15.93 -15.28
C PHE A 353 8.31 -17.01 -14.48
N SER A 354 8.47 -16.80 -13.17
CA SER A 354 9.15 -17.78 -12.27
C SER A 354 8.32 -19.07 -12.20
N VAL A 355 7.00 -18.96 -12.16
CA VAL A 355 6.09 -20.12 -12.14
C VAL A 355 6.16 -20.86 -13.48
N LEU A 356 6.15 -20.13 -14.61
CA LEU A 356 6.16 -20.73 -15.95
C LEU A 356 7.54 -21.36 -16.20
N ALA A 357 8.59 -20.81 -15.59
CA ALA A 357 9.94 -21.41 -15.58
C ALA A 357 9.85 -22.83 -14.97
N LEU A 358 9.12 -22.97 -13.84
CA LEU A 358 8.91 -24.30 -13.21
C LEU A 358 8.04 -25.16 -14.14
N ARG A 359 6.94 -24.62 -14.69
CA ARG A 359 6.01 -25.42 -15.51
C ARG A 359 6.77 -26.04 -16.69
N ASP A 360 7.57 -25.22 -17.38
CA ASP A 360 8.16 -25.55 -18.70
C ASP A 360 9.62 -25.98 -18.57
N GLN A 361 10.21 -25.87 -17.39
CA GLN A 361 11.60 -26.32 -17.09
C GLN A 361 12.55 -25.60 -18.03
N VAL A 362 12.45 -24.27 -18.02
CA VAL A 362 13.30 -23.41 -18.87
C VAL A 362 13.60 -22.11 -18.10
N ALA A 363 14.86 -21.70 -18.11
CA ALA A 363 15.33 -20.37 -17.66
C ALA A 363 15.17 -19.39 -18.80
N PRO A 364 14.36 -18.34 -18.62
CA PRO A 364 14.29 -17.24 -19.59
C PRO A 364 15.65 -16.60 -19.77
N PRO A 365 15.93 -16.04 -20.97
CA PRO A 365 17.19 -15.37 -21.22
C PRO A 365 17.28 -13.97 -20.60
N THR A 366 18.49 -13.52 -20.37
CA THR A 366 18.82 -12.08 -20.22
C THR A 366 19.26 -11.63 -21.60
N ILE A 367 18.39 -11.01 -22.39
CA ILE A 367 18.85 -10.52 -23.72
C ILE A 367 19.78 -9.33 -23.52
N ASN A 368 20.52 -9.00 -24.57
CA ASN A 368 21.41 -7.81 -24.68
C ASN A 368 22.67 -7.97 -23.84
N LEU A 369 22.94 -9.14 -23.25
CA LEU A 369 24.10 -9.31 -22.34
C LEU A 369 25.32 -9.61 -23.21
N ASP A 370 25.81 -8.61 -23.95
CA ASP A 370 26.87 -8.79 -24.97
C ASP A 370 28.23 -8.86 -24.27
N ASN A 371 28.49 -7.96 -23.30
CA ASN A 371 29.78 -7.91 -22.56
C ASN A 371 29.48 -7.84 -21.07
N PRO A 372 29.33 -9.00 -20.41
CA PRO A 372 29.11 -9.03 -18.98
C PRO A 372 30.12 -8.10 -18.30
N ASP A 373 29.66 -7.33 -17.30
CA ASP A 373 30.52 -6.39 -16.57
C ASP A 373 31.45 -7.15 -15.62
N GLU A 374 32.42 -6.44 -15.06
CA GLU A 374 33.37 -6.93 -14.04
C GLU A 374 32.60 -7.72 -12.98
N GLY A 375 32.97 -8.99 -12.79
CA GLY A 375 32.45 -9.89 -11.73
C GLY A 375 31.05 -10.43 -12.02
N CYS A 376 30.42 -10.10 -13.15
CA CYS A 376 29.09 -10.62 -13.55
C CYS A 376 29.31 -11.94 -14.31
N ASP A 377 29.87 -12.96 -13.63
CA ASP A 377 30.42 -14.20 -14.26
C ASP A 377 29.65 -15.45 -13.81
N LEU A 378 28.41 -15.26 -13.38
CA LEU A 378 27.46 -16.34 -13.10
C LEU A 378 26.80 -16.78 -14.41
N ASP A 379 26.06 -17.89 -14.39
CA ASP A 379 25.12 -18.25 -15.48
C ASP A 379 23.96 -17.22 -15.45
N LEU A 380 24.07 -16.16 -16.25
CA LEU A 380 23.02 -15.13 -16.42
C LEU A 380 22.15 -15.42 -17.65
N VAL A 381 22.20 -16.64 -18.18
CA VAL A 381 21.38 -17.12 -19.33
C VAL A 381 21.42 -16.08 -20.45
N ALA A 382 22.62 -15.66 -20.84
CA ALA A 382 22.82 -14.59 -21.83
C ALA A 382 22.16 -14.99 -23.16
N HIS A 383 21.42 -14.08 -23.79
CA HIS A 383 20.93 -14.16 -25.20
C HIS A 383 19.76 -15.12 -25.40
N GLU A 384 19.85 -16.36 -24.94
CA GLU A 384 18.92 -17.45 -25.34
C GLU A 384 18.42 -18.24 -24.12
N ALA A 385 17.14 -18.62 -24.14
CA ALA A 385 16.47 -19.40 -23.08
C ALA A 385 17.25 -20.71 -22.90
N LYS A 386 17.38 -21.22 -21.68
CA LYS A 386 18.15 -22.46 -21.36
C LYS A 386 17.21 -23.49 -20.73
N PRO A 387 16.80 -24.56 -21.46
CA PRO A 387 16.03 -25.63 -20.85
C PRO A 387 16.96 -26.24 -19.80
N ARG A 388 16.42 -26.60 -18.64
CA ARG A 388 17.21 -27.13 -17.51
C ARG A 388 16.26 -27.54 -16.39
N LYS A 389 16.79 -28.30 -15.45
CA LYS A 389 16.03 -28.80 -14.30
C LYS A 389 15.79 -27.61 -13.36
N ILE A 390 14.52 -27.35 -13.03
CA ILE A 390 14.12 -26.29 -12.09
C ILE A 390 13.09 -26.89 -11.13
N ASP A 391 13.50 -27.14 -9.90
CA ASP A 391 12.57 -27.54 -8.81
C ASP A 391 12.21 -26.32 -7.96
N VAL A 392 13.15 -25.41 -7.77
CA VAL A 392 12.96 -24.23 -6.88
C VAL A 392 13.36 -22.97 -7.66
N ALA A 393 12.45 -22.00 -7.69
CA ALA A 393 12.66 -20.73 -8.39
C ALA A 393 12.45 -19.61 -7.37
N LEU A 394 13.36 -18.64 -7.41
N LEU A 394 13.43 -18.69 -7.31
CA LEU A 394 13.37 -17.45 -6.54
CA LEU A 394 13.33 -17.42 -6.55
C LEU A 394 13.10 -16.21 -7.42
C LEU A 394 12.92 -16.31 -7.51
N SER A 395 12.25 -15.29 -6.97
CA SER A 395 11.97 -14.03 -7.68
C SER A 395 12.29 -12.90 -6.70
N ASN A 396 13.23 -12.04 -7.08
CA ASN A 396 13.71 -10.92 -6.24
C ASN A 396 13.20 -9.58 -6.75
N SER A 397 12.91 -8.68 -5.81
CA SER A 397 12.59 -7.27 -6.06
C SER A 397 13.26 -6.42 -4.97
N PHE A 398 13.76 -5.24 -5.37
N PHE A 398 13.86 -5.29 -5.35
CA PHE A 398 14.40 -4.22 -4.50
CA PHE A 398 14.29 -4.23 -4.41
C PHE A 398 13.89 -2.83 -4.94
C PHE A 398 13.67 -2.92 -4.90
N GLY A 399 13.55 -1.95 -4.00
CA GLY A 399 12.95 -0.66 -4.36
C GLY A 399 13.49 0.48 -3.56
N PHE A 400 13.12 1.69 -3.98
CA PHE A 400 13.32 2.94 -3.21
C PHE A 400 12.89 2.72 -1.76
N GLY A 401 13.58 3.39 -0.84
CA GLY A 401 13.41 3.19 0.61
C GLY A 401 14.15 1.97 1.12
N GLY A 402 14.94 1.30 0.28
CA GLY A 402 15.72 0.11 0.67
C GLY A 402 14.81 -1.07 0.94
N THR A 403 13.67 -1.16 0.28
N THR A 403 13.65 -1.09 0.29
CA THR A 403 12.64 -2.20 0.53
CA THR A 403 12.67 -2.18 0.38
C THR A 403 12.93 -3.42 -0.35
C THR A 403 13.26 -3.41 -0.29
N ASN A 404 13.01 -4.61 0.24
CA ASN A 404 13.41 -5.86 -0.47
C ASN A 404 12.30 -6.90 -0.31
N GLY A 405 12.08 -7.70 -1.36
CA GLY A 405 11.18 -8.86 -1.28
C GLY A 405 11.72 -10.01 -2.08
N THR A 406 11.51 -11.21 -1.58
CA THR A 406 11.90 -12.43 -2.29
C THR A 406 10.74 -13.41 -2.17
N LEU A 407 10.37 -14.05 -3.27
CA LEU A 407 9.36 -15.14 -3.26
C LEU A 407 10.08 -16.41 -3.68
N VAL A 408 9.76 -17.53 -3.02
CA VAL A 408 10.29 -18.87 -3.37
C VAL A 408 9.12 -19.76 -3.79
N PHE A 409 9.21 -20.25 -5.01
CA PHE A 409 8.22 -21.16 -5.62
C PHE A 409 8.91 -22.51 -5.81
N ARG A 410 8.16 -23.59 -5.80
CA ARG A 410 8.71 -24.91 -6.22
C ARG A 410 7.63 -25.70 -6.94
N ARG A 411 8.05 -26.70 -7.71
CA ARG A 411 7.13 -27.64 -8.37
C ARG A 411 6.20 -28.26 -7.33
N PHE A 412 4.93 -28.40 -7.68
CA PHE A 412 3.96 -29.19 -6.89
C PHE A 412 3.64 -30.50 -7.61
N ALA A 413 3.68 -31.63 -6.88
CA ALA A 413 3.28 -32.98 -7.33
C ALA A 413 2.11 -33.48 -6.51
N SER B 2 0.04 -21.20 17.27
CA SER B 2 -0.25 -20.20 18.35
C SER B 2 0.13 -18.78 17.89
N ARG B 3 0.06 -17.80 18.79
CA ARG B 3 0.14 -16.36 18.44
C ARG B 3 0.63 -15.52 19.62
N ARG B 4 1.58 -14.64 19.38
CA ARG B 4 2.18 -13.80 20.45
C ARG B 4 1.31 -12.57 20.69
N ARG B 5 1.40 -12.02 21.88
CA ARG B 5 0.57 -10.89 22.29
C ARG B 5 1.29 -9.63 21.84
N VAL B 6 0.52 -8.57 21.55
CA VAL B 6 1.04 -7.30 21.00
C VAL B 6 0.52 -6.11 21.82
N VAL B 7 1.44 -5.25 22.22
CA VAL B 7 1.14 -4.11 23.10
C VAL B 7 1.62 -2.85 22.41
N ILE B 8 1.05 -1.73 22.85
CA ILE B 8 1.38 -0.36 22.36
C ILE B 8 2.28 0.31 23.40
N THR B 9 3.52 0.64 23.01
CA THR B 9 4.53 1.18 23.95
C THR B 9 4.98 2.59 23.58
N GLY B 10 4.52 3.14 22.45
CA GLY B 10 4.86 4.51 22.05
C GLY B 10 3.85 5.03 21.04
N MET B 11 3.52 6.30 21.14
CA MET B 11 2.57 6.95 20.20
C MET B 11 3.10 8.31 19.79
N GLY B 12 2.77 8.72 18.56
CA GLY B 12 3.19 9.99 17.96
C GLY B 12 2.13 10.52 17.02
N MET B 13 2.00 11.84 16.87
CA MET B 13 0.87 12.43 16.11
C MET B 13 1.17 13.87 15.68
N LEU B 14 0.72 14.23 14.48
CA LEU B 14 0.38 15.62 14.10
C LEU B 14 -1.11 15.63 13.77
N SER B 15 -1.86 16.60 14.26
CA SER B 15 -3.29 16.69 13.92
C SER B 15 -3.67 18.15 13.83
N PRO B 16 -4.89 18.41 13.34
CA PRO B 16 -5.44 19.75 13.40
C PRO B 16 -5.55 20.31 14.83
N LEU B 17 -5.45 19.46 15.85
CA LEU B 17 -5.60 19.89 17.27
C LEU B 17 -4.25 20.14 17.94
N GLY B 18 -3.15 19.68 17.35
CA GLY B 18 -1.84 19.86 17.98
C GLY B 18 -0.71 19.14 17.29
N LEU B 19 0.50 19.43 17.75
CA LEU B 19 1.75 18.94 17.13
C LEU B 19 2.28 17.71 17.87
N ASP B 20 1.54 17.17 18.83
CA ASP B 20 1.90 15.88 19.46
C ASP B 20 0.62 15.23 20.02
N VAL B 21 0.76 14.10 20.70
CA VAL B 21 -0.42 13.35 21.22
C VAL B 21 -1.06 14.14 22.35
N PRO B 22 -0.32 14.54 23.41
CA PRO B 22 -0.97 15.14 24.58
C PRO B 22 -1.73 16.43 24.24
N SER B 23 -1.20 17.26 23.35
CA SER B 23 -1.91 18.50 22.96
C SER B 23 -3.16 18.13 22.13
N SER B 24 -3.02 17.22 21.17
CA SER B 24 -4.18 16.73 20.37
C SER B 24 -5.26 16.17 21.31
N TRP B 25 -4.87 15.30 22.23
CA TRP B 25 -5.80 14.62 23.18
C TRP B 25 -6.53 15.64 24.06
N GLU B 26 -5.81 16.67 24.49
CA GLU B 26 -6.37 17.74 25.34
C GLU B 26 -7.49 18.46 24.59
N GLY B 27 -7.29 18.77 23.30
CA GLY B 27 -8.34 19.36 22.46
C GLY B 27 -9.54 18.42 22.30
N ILE B 28 -9.27 17.14 22.09
CA ILE B 28 -10.33 16.08 21.92
C ILE B 28 -11.25 16.11 23.16
N LEU B 29 -10.66 16.04 24.34
CA LEU B 29 -11.41 15.96 25.62
C LEU B 29 -12.14 17.28 25.93
N ALA B 30 -11.67 18.42 25.39
CA ALA B 30 -12.35 19.73 25.55
C ALA B 30 -13.34 20.00 24.43
N GLY B 31 -13.51 19.11 23.45
CA GLY B 31 -14.47 19.36 22.36
C GLY B 31 -14.01 20.50 21.45
N ARG B 32 -12.71 20.72 21.31
CA ARG B 32 -12.17 21.81 20.45
C ARG B 32 -12.21 21.35 18.99
N SER B 33 -12.54 22.25 18.06
CA SER B 33 -12.47 22.00 16.59
C SER B 33 -11.09 22.41 16.10
N GLY B 34 -10.51 21.65 15.18
CA GLY B 34 -9.27 22.05 14.49
C GLY B 34 -9.56 22.51 13.08
N ILE B 35 -10.85 22.73 12.75
CA ILE B 35 -11.28 23.11 11.38
C ILE B 35 -11.33 24.64 11.25
N ALA B 36 -10.88 25.15 10.10
CA ALA B 36 -10.72 26.61 9.84
C ALA B 36 -10.53 26.82 8.35
N PRO B 37 -10.80 28.04 7.82
CA PRO B 37 -10.51 28.31 6.42
C PRO B 37 -9.03 28.05 6.19
N ILE B 38 -8.72 27.49 5.03
CA ILE B 38 -7.35 27.12 4.64
C ILE B 38 -6.62 28.40 4.21
N GLU B 39 -5.42 28.62 4.73
CA GLU B 39 -4.62 29.84 4.47
C GLU B 39 -3.58 29.56 3.39
N HIS B 40 -3.00 30.64 2.84
CA HIS B 40 -1.85 30.61 1.90
C HIS B 40 -2.21 29.76 0.69
N MET B 41 -3.43 29.94 0.18
CA MET B 41 -3.97 29.15 -0.94
C MET B 41 -5.29 29.77 -1.42
N ASP B 42 -5.40 30.08 -2.72
CA ASP B 42 -6.56 30.84 -3.24
C ASP B 42 -7.68 29.86 -3.55
N LEU B 43 -8.66 29.74 -2.65
CA LEU B 43 -9.76 28.75 -2.82
C LEU B 43 -11.03 29.44 -3.34
N SER B 44 -10.94 30.67 -3.84
CA SER B 44 -12.13 31.44 -4.37
C SER B 44 -12.99 30.60 -5.29
N ALA B 45 -12.41 29.88 -6.26
CA ALA B 45 -13.17 29.13 -7.29
C ALA B 45 -13.70 27.80 -6.73
N TYR B 46 -13.39 27.46 -5.48
CA TYR B 46 -13.73 26.15 -4.85
C TYR B 46 -15.02 26.25 -4.04
N SER B 47 -15.81 25.19 -4.06
CA SER B 47 -17.07 25.06 -3.28
C SER B 47 -16.78 24.79 -1.78
N THR B 48 -15.59 24.29 -1.42
CA THR B 48 -15.14 24.14 -0.01
C THR B 48 -13.84 24.93 0.20
N ARG B 49 -13.75 25.75 1.25
CA ARG B 49 -12.60 26.67 1.49
C ARG B 49 -11.96 26.43 2.87
N PHE B 50 -12.31 25.35 3.54
CA PHE B 50 -11.90 25.09 4.95
C PHE B 50 -11.49 23.62 5.10
N GLY B 51 -10.84 23.29 6.19
CA GLY B 51 -10.34 21.95 6.52
C GLY B 51 -9.56 21.96 7.81
N GLY B 52 -9.01 20.79 8.17
CA GLY B 52 -8.09 20.62 9.31
C GLY B 52 -6.65 20.64 8.84
N SER B 53 -5.99 21.79 8.97
CA SER B 53 -4.55 21.94 8.66
C SER B 53 -3.76 21.67 9.93
N VAL B 54 -2.54 21.19 9.78
CA VAL B 54 -1.54 21.11 10.88
C VAL B 54 -0.96 22.52 11.05
N LYS B 55 -1.00 23.09 12.24
CA LYS B 55 -0.64 24.51 12.50
C LYS B 55 0.70 24.62 13.25
N GLY B 56 1.69 25.31 12.66
CA GLY B 56 2.99 25.61 13.29
C GLY B 56 3.98 24.46 13.21
N PHE B 57 3.79 23.52 12.28
CA PHE B 57 4.69 22.36 12.15
C PHE B 57 6.09 22.84 11.75
N ASN B 58 7.06 22.37 12.52
CA ASN B 58 8.50 22.62 12.32
C ASN B 58 9.22 21.33 11.96
N VAL B 59 9.39 21.09 10.66
CA VAL B 59 10.04 19.85 10.16
C VAL B 59 11.50 19.82 10.65
N GLU B 60 12.12 20.99 10.87
CA GLU B 60 13.54 21.02 11.25
C GLU B 60 13.73 20.50 12.68
N GLU B 61 12.64 20.28 13.45
CA GLU B 61 12.76 19.56 14.75
C GLU B 61 13.16 18.10 14.51
N TYR B 62 12.92 17.59 13.30
CA TYR B 62 13.13 16.17 12.93
C TYR B 62 14.23 16.04 11.89
N LEU B 63 14.27 16.94 10.90
CA LEU B 63 15.19 16.83 9.74
C LEU B 63 15.94 18.15 9.59
N SER B 64 17.11 18.11 8.93
CA SER B 64 17.80 19.29 8.36
C SER B 64 16.88 19.91 7.30
N ALA B 65 16.99 21.21 7.05
CA ALA B 65 16.20 21.91 6.00
C ALA B 65 16.40 21.18 4.65
N LYS B 66 17.61 20.73 4.40
CA LYS B 66 18.02 20.20 3.08
C LYS B 66 17.36 18.83 2.85
N GLU B 67 17.30 17.96 3.86
N GLU B 67 17.40 17.97 3.88
CA GLU B 67 16.64 16.65 3.71
CA GLU B 67 16.69 16.67 3.98
C GLU B 67 15.12 16.86 3.66
C GLU B 67 15.20 16.90 3.68
N ALA B 68 14.58 17.80 4.46
CA ALA B 68 13.13 18.12 4.40
C ALA B 68 12.70 18.56 2.99
N ARG B 69 13.54 19.32 2.27
CA ARG B 69 13.18 19.92 0.95
C ARG B 69 12.93 18.79 -0.07
N LYS B 70 13.43 17.59 0.20
CA LYS B 70 13.34 16.44 -0.73
C LYS B 70 11.99 15.73 -0.57
N LEU B 71 11.21 16.07 0.45
CA LEU B 71 10.07 15.20 0.88
C LEU B 71 8.76 15.98 0.84
N ASP B 72 7.74 15.34 0.29
CA ASP B 72 6.36 15.87 0.37
C ASP B 72 5.97 16.07 1.85
N LEU B 73 5.04 16.99 2.09
CA LEU B 73 4.49 17.24 3.45
C LEU B 73 3.94 15.94 4.06
N PHE B 74 3.27 15.07 3.31
CA PHE B 74 2.68 13.82 3.89
C PHE B 74 3.81 12.96 4.44
N ILE B 75 4.99 12.96 3.82
CA ILE B 75 6.17 12.17 4.32
C ILE B 75 6.77 12.86 5.56
N GLN B 76 6.85 14.19 5.53
CA GLN B 76 7.36 14.95 6.69
C GLN B 76 6.44 14.62 7.90
N TYR B 77 5.12 14.65 7.70
CA TYR B 77 4.16 14.42 8.81
C TYR B 77 4.28 12.98 9.34
N GLY B 78 4.43 12.00 8.44
CA GLY B 78 4.61 10.59 8.80
C GLY B 78 5.90 10.37 9.60
N LEU B 79 6.98 11.00 9.17
CA LEU B 79 8.28 10.96 9.87
C LEU B 79 8.14 11.60 11.25
N ALA B 80 7.49 12.76 11.37
CA ALA B 80 7.29 13.44 12.68
C ALA B 80 6.54 12.51 13.65
N ALA B 81 5.40 11.95 13.27
CA ALA B 81 4.65 11.02 14.16
C ALA B 81 5.52 9.81 14.54
N SER B 82 6.22 9.23 13.56
CA SER B 82 7.07 8.03 13.75
C SER B 82 8.20 8.33 14.72
N PHE B 83 8.95 9.40 14.49
CA PHE B 83 10.06 9.80 15.39
C PHE B 83 9.49 9.98 16.82
N GLN B 84 8.33 10.63 16.94
CA GLN B 84 7.68 10.86 18.25
C GLN B 84 7.43 9.51 18.92
N ALA B 85 6.86 8.56 18.17
CA ALA B 85 6.36 7.29 18.73
C ALA B 85 7.57 6.47 19.23
N VAL B 86 8.60 6.40 18.41
CA VAL B 86 9.83 5.66 18.77
C VAL B 86 10.45 6.28 20.04
N ARG B 87 10.62 7.60 20.07
CA ARG B 87 11.09 8.34 21.26
C ARG B 87 10.18 8.01 22.45
N ASP B 88 8.85 8.07 22.26
CA ASP B 88 7.90 7.82 23.36
C ASP B 88 8.10 6.39 23.89
N SER B 89 8.54 5.43 23.08
CA SER B 89 8.60 4.00 23.47
C SER B 89 9.82 3.72 24.35
N GLY B 90 10.84 4.57 24.23
CA GLY B 90 12.15 4.40 24.86
C GLY B 90 12.92 3.21 24.27
N LEU B 91 12.49 2.67 23.15
CA LEU B 91 13.19 1.52 22.51
C LEU B 91 14.61 1.93 22.15
N GLU B 92 15.58 1.08 22.42
CA GLU B 92 16.99 1.26 21.99
C GLU B 92 17.24 0.26 20.83
N VAL B 93 17.48 0.79 19.63
CA VAL B 93 17.85 0.00 18.42
C VAL B 93 19.34 -0.36 18.51
N THR B 94 19.69 -1.63 18.32
CA THR B 94 21.06 -2.19 18.39
C THR B 94 21.30 -3.17 17.24
N ASP B 95 22.55 -3.61 17.05
CA ASP B 95 22.86 -4.66 16.06
C ASP B 95 22.14 -5.94 16.48
N ALA B 96 21.87 -6.18 17.76
CA ALA B 96 21.22 -7.42 18.23
C ALA B 96 19.73 -7.44 17.87
N ASN B 97 19.07 -6.30 17.63
CA ASN B 97 17.59 -6.31 17.43
C ASN B 97 17.12 -5.60 16.15
N ARG B 98 18.00 -4.95 15.39
CA ARG B 98 17.58 -4.05 14.29
C ARG B 98 16.85 -4.85 13.18
N GLU B 99 17.16 -6.12 12.97
CA GLU B 99 16.44 -6.96 11.97
C GLU B 99 15.03 -7.30 12.46
N ARG B 100 14.73 -7.07 13.75
CA ARG B 100 13.44 -7.48 14.35
C ARG B 100 12.51 -6.26 14.45
N ILE B 101 12.95 -5.12 13.93
CA ILE B 101 12.19 -3.83 14.04
C ILE B 101 11.90 -3.35 12.62
N GLY B 102 10.62 -3.27 12.26
CA GLY B 102 10.18 -2.86 10.93
C GLY B 102 9.25 -1.65 11.00
N VAL B 103 8.73 -1.27 9.84
N VAL B 103 8.70 -1.29 9.86
CA VAL B 103 7.88 -0.07 9.64
CA VAL B 103 7.80 -0.09 9.78
C VAL B 103 6.77 -0.40 8.64
C VAL B 103 6.81 -0.29 8.64
N SER B 104 5.57 0.10 8.90
CA SER B 104 4.45 0.09 7.94
C SER B 104 3.68 1.39 8.18
N MET B 105 4.11 2.46 7.53
CA MET B 105 3.44 3.77 7.56
C MET B 105 2.89 3.99 6.15
N GLY B 106 1.57 4.23 6.09
CA GLY B 106 0.84 4.36 4.83
C GLY B 106 0.26 5.73 4.60
N SER B 107 -0.37 5.87 3.44
CA SER B 107 -1.09 7.08 3.00
C SER B 107 -2.18 6.64 2.03
N GLY B 108 -3.30 7.37 2.04
CA GLY B 108 -4.43 7.10 1.15
C GLY B 108 -4.23 7.69 -0.23
N ILE B 109 -3.68 8.92 -0.30
CA ILE B 109 -3.54 9.68 -1.57
C ILE B 109 -2.07 10.06 -1.86
N GLY B 110 -1.21 10.20 -0.84
CA GLY B 110 0.23 10.39 -1.05
C GLY B 110 0.55 11.82 -1.48
N GLY B 111 1.43 12.00 -2.46
CA GLY B 111 2.15 13.28 -2.64
C GLY B 111 1.44 14.26 -3.59
N LEU B 112 0.18 14.57 -3.33
CA LEU B 112 -0.61 15.53 -4.16
C LEU B 112 0.06 16.89 -4.28
N THR B 113 0.53 17.46 -3.17
CA THR B 113 1.16 18.81 -3.12
C THR B 113 2.39 18.82 -4.03
N ASN B 114 3.28 17.84 -3.84
N ASN B 114 3.27 17.82 -3.90
CA ASN B 114 4.50 17.65 -4.69
CA ASN B 114 4.50 17.72 -4.72
C ASN B 114 4.08 17.54 -6.16
C ASN B 114 4.12 17.50 -6.18
N ILE B 115 3.07 16.72 -6.45
CA ILE B 115 2.58 16.47 -7.83
C ILE B 115 2.13 17.81 -8.43
N GLU B 116 1.39 18.59 -7.65
CA GLU B 116 0.86 19.93 -8.03
C GLU B 116 2.01 20.87 -8.36
N ASN B 117 2.98 21.01 -7.47
CA ASN B 117 4.11 21.96 -7.66
C ASN B 117 4.94 21.49 -8.86
N ASN B 118 5.06 20.18 -9.11
CA ASN B 118 5.93 19.68 -10.22
C ASN B 118 5.20 19.76 -11.56
N CYS B 119 3.87 19.60 -11.57
CA CYS B 119 3.02 19.84 -12.76
C CYS B 119 3.21 21.27 -13.26
N ARG B 120 3.22 22.21 -12.32
CA ARG B 120 3.48 23.65 -12.58
C ARG B 120 4.80 23.76 -13.36
N SER B 121 5.92 23.32 -12.79
CA SER B 121 7.24 23.34 -13.49
C SER B 121 7.07 22.71 -14.89
N LEU B 122 6.46 21.53 -14.97
CA LEU B 122 6.40 20.71 -16.21
C LEU B 122 5.62 21.46 -17.30
N PHE B 123 4.45 21.98 -16.97
CA PHE B 123 3.54 22.64 -17.95
C PHE B 123 4.13 23.99 -18.39
N GLU B 124 4.74 24.73 -17.45
CA GLU B 124 5.26 26.11 -17.71
C GLU B 124 6.63 26.07 -18.43
N GLN B 125 7.53 25.18 -17.97
N GLN B 125 7.57 25.23 -17.99
CA GLN B 125 8.99 25.20 -18.30
CA GLN B 125 8.96 25.24 -18.54
C GLN B 125 9.47 23.85 -18.89
C GLN B 125 9.48 23.83 -18.85
N GLY B 126 8.59 22.85 -19.07
CA GLY B 126 8.99 21.52 -19.57
C GLY B 126 9.69 20.62 -18.54
N PRO B 127 9.97 19.34 -18.90
CA PRO B 127 10.39 18.33 -17.93
C PRO B 127 11.70 18.59 -17.19
N ARG B 128 12.58 19.45 -17.73
CA ARG B 128 13.95 19.60 -17.21
C ARG B 128 13.91 20.38 -15.89
N ARG B 129 12.79 20.99 -15.52
CA ARG B 129 12.67 21.70 -14.21
C ARG B 129 12.05 20.80 -13.15
N ILE B 130 11.61 19.57 -13.49
CA ILE B 130 11.10 18.58 -12.49
C ILE B 130 12.23 18.23 -11.52
N SER B 131 11.98 18.28 -10.21
CA SER B 131 12.98 17.95 -9.16
C SER B 131 13.51 16.52 -9.35
N PRO B 132 14.84 16.33 -9.16
CA PRO B 132 15.46 15.00 -9.14
C PRO B 132 14.89 14.09 -8.05
N PHE B 133 14.35 14.70 -7.00
CA PHE B 133 13.80 13.98 -5.82
C PHE B 133 12.29 13.83 -5.98
N PHE B 134 11.73 14.24 -7.11
CA PHE B 134 10.27 14.14 -7.34
C PHE B 134 9.75 12.74 -6.98
N VAL B 135 10.32 11.68 -7.55
CA VAL B 135 9.76 10.31 -7.32
C VAL B 135 10.00 9.87 -5.87
N PRO B 136 11.26 9.75 -5.37
CA PRO B 136 11.46 9.20 -4.03
C PRO B 136 10.78 10.09 -2.97
N GLY B 137 10.65 11.39 -3.25
CA GLY B 137 10.08 12.40 -2.36
C GLY B 137 8.55 12.44 -2.38
N SER B 138 7.91 11.65 -3.24
CA SER B 138 6.44 11.68 -3.45
C SER B 138 5.77 10.34 -3.21
N ILE B 139 6.49 9.21 -3.27
CA ILE B 139 5.87 7.86 -3.25
C ILE B 139 5.59 7.48 -1.79
N ILE B 140 4.52 6.74 -1.59
CA ILE B 140 3.89 6.54 -0.26
C ILE B 140 4.83 5.75 0.65
N ASN B 141 5.71 4.90 0.11
CA ASN B 141 6.53 4.01 0.96
C ASN B 141 7.75 4.76 1.52
N MET B 142 7.92 6.05 1.25
CA MET B 142 9.13 6.78 1.71
C MET B 142 9.05 7.17 3.20
N VAL B 143 7.90 7.15 3.87
CA VAL B 143 7.91 7.32 5.36
C VAL B 143 8.60 6.09 5.95
N SER B 144 8.13 4.89 5.57
CA SER B 144 8.78 3.59 5.95
C SER B 144 10.25 3.62 5.54
N GLY B 145 10.54 3.96 4.28
CA GLY B 145 11.90 4.07 3.75
C GLY B 145 12.77 5.01 4.59
N PHE B 146 12.39 6.28 4.71
CA PHE B 146 13.26 7.29 5.35
C PHE B 146 13.41 6.95 6.84
N LEU B 147 12.35 6.46 7.48
CA LEU B 147 12.42 6.10 8.92
C LEU B 147 13.43 4.97 9.12
N SER B 148 13.35 3.93 8.29
N SER B 148 13.33 3.93 8.28
CA SER B 148 14.24 2.73 8.35
CA SER B 148 14.22 2.73 8.30
C SER B 148 15.70 3.18 8.19
C SER B 148 15.68 3.16 8.17
N ILE B 149 15.98 4.03 7.20
CA ILE B 149 17.36 4.53 6.93
C ILE B 149 17.81 5.35 8.13
N HIS B 150 16.97 6.24 8.63
CA HIS B 150 17.36 7.19 9.72
C HIS B 150 17.67 6.42 11.02
N LEU B 151 16.90 5.38 11.35
CA LEU B 151 17.00 4.68 12.66
C LEU B 151 17.73 3.34 12.52
N GLY B 152 18.11 2.93 11.31
CA GLY B 152 18.77 1.65 11.03
C GLY B 152 17.84 0.46 11.23
N LEU B 153 16.56 0.59 10.83
CA LEU B 153 15.55 -0.49 11.02
C LEU B 153 15.61 -1.44 9.83
N GLN B 154 15.87 -2.73 10.09
CA GLN B 154 16.11 -3.74 9.02
C GLN B 154 15.00 -4.78 8.99
N GLY B 155 13.96 -4.61 9.82
CA GLY B 155 12.74 -5.43 9.87
C GLY B 155 11.85 -5.22 8.64
N PRO B 156 10.69 -5.90 8.60
CA PRO B 156 9.73 -5.71 7.51
C PRO B 156 9.54 -4.22 7.23
N ASN B 157 9.66 -3.86 5.95
N ASN B 157 9.59 -3.88 5.94
CA ASN B 157 9.58 -2.46 5.47
CA ASN B 157 9.60 -2.48 5.43
C ASN B 157 8.55 -2.38 4.34
C ASN B 157 8.56 -2.37 4.31
N TYR B 158 7.37 -1.85 4.63
CA TYR B 158 6.29 -1.76 3.64
C TYR B 158 5.38 -0.60 3.96
N ALA B 159 4.40 -0.41 3.06
CA ALA B 159 3.41 0.67 3.19
C ALA B 159 2.09 0.17 2.56
N LEU B 160 1.00 0.38 3.28
CA LEU B 160 -0.38 0.17 2.80
C LEU B 160 -0.92 1.46 2.17
N THR B 161 -1.86 1.30 1.24
CA THR B 161 -2.66 2.42 0.73
C THR B 161 -4.07 1.86 0.49
N THR B 162 -4.95 2.02 1.46
CA THR B 162 -6.35 1.57 1.41
C THR B 162 -7.25 2.75 1.70
N ALA B 163 -6.95 3.85 1.03
CA ALA B 163 -7.77 5.07 1.09
C ALA B 163 -8.00 5.42 2.56
N GLN B 164 -9.25 5.63 2.97
CA GLN B 164 -9.60 6.12 4.33
C GLN B 164 -9.40 5.01 5.38
N THR B 165 -8.96 3.81 5.00
CA THR B 165 -8.81 2.65 5.91
C THR B 165 -7.32 2.41 6.19
N THR B 166 -6.45 3.19 5.56
CA THR B 166 -4.99 2.95 5.54
C THR B 166 -4.43 2.80 6.97
N GLY B 167 -4.63 3.79 7.83
CA GLY B 167 -4.07 3.78 9.18
C GLY B 167 -4.48 2.55 9.99
N THR B 168 -5.75 2.13 9.87
CA THR B 168 -6.30 0.97 10.61
C THR B 168 -5.64 -0.31 10.08
N HIS B 169 -5.53 -0.44 8.78
CA HIS B 169 -4.94 -1.66 8.18
C HIS B 169 -3.44 -1.70 8.50
N SER B 170 -2.76 -0.56 8.43
CA SER B 170 -1.29 -0.49 8.68
C SER B 170 -1.02 -1.04 10.08
N ILE B 171 -1.77 -0.57 11.04
CA ILE B 171 -1.56 -0.98 12.45
C ILE B 171 -1.91 -2.47 12.59
N GLY B 172 -3.02 -2.89 12.01
CA GLY B 172 -3.47 -4.28 12.16
C GLY B 172 -2.48 -5.27 11.58
N MET B 173 -2.01 -5.03 10.35
N MET B 173 -2.02 -5.03 10.34
CA MET B 173 -1.09 -5.94 9.63
CA MET B 173 -1.09 -5.94 9.65
C MET B 173 0.30 -5.90 10.29
C MET B 173 0.29 -5.90 10.34
N ALA B 174 0.69 -4.76 10.88
CA ALA B 174 1.95 -4.65 11.66
C ALA B 174 1.82 -5.52 12.92
N ALA B 175 0.65 -5.49 13.57
CA ALA B 175 0.35 -6.32 14.75
C ALA B 175 0.49 -7.79 14.38
N ARG B 176 -0.04 -8.18 13.21
CA ARG B 176 0.10 -9.58 12.69
C ARG B 176 1.58 -9.96 12.49
N ASN B 177 2.40 -9.07 11.92
CA ASN B 177 3.84 -9.34 11.73
C ASN B 177 4.42 -9.78 13.08
N ILE B 178 4.07 -9.08 14.15
CA ILE B 178 4.65 -9.36 15.48
C ILE B 178 4.03 -10.64 16.04
N ALA B 179 2.71 -10.76 15.99
CA ALA B 179 1.96 -11.93 16.50
C ALA B 179 2.55 -13.20 15.90
N TYR B 180 2.95 -13.17 14.63
CA TYR B 180 3.37 -14.39 13.90
C TYR B 180 4.88 -14.50 13.84
N GLY B 181 5.61 -13.67 14.58
CA GLY B 181 7.06 -13.85 14.82
C GLY B 181 7.93 -13.34 13.68
N GLU B 182 7.38 -12.52 12.76
CA GLU B 182 8.14 -11.92 11.62
C GLU B 182 8.87 -10.65 12.09
N ALA B 183 8.51 -10.10 13.25
CA ALA B 183 9.17 -8.94 13.88
C ALA B 183 8.83 -8.93 15.36
N ASP B 184 9.62 -8.24 16.17
CA ASP B 184 9.34 -8.02 17.60
C ASP B 184 8.77 -6.63 17.81
N VAL B 185 9.10 -5.69 16.93
CA VAL B 185 8.65 -4.27 17.02
C VAL B 185 8.28 -3.79 15.61
N MET B 186 7.17 -3.06 15.51
CA MET B 186 6.78 -2.33 14.27
C MET B 186 6.35 -0.92 14.64
N VAL B 187 6.75 0.05 13.82
CA VAL B 187 6.19 1.42 13.85
C VAL B 187 5.12 1.48 12.75
N ALA B 188 3.87 1.75 13.10
CA ALA B 188 2.76 1.60 12.15
C ALA B 188 1.76 2.75 12.29
N GLY B 189 1.11 3.05 11.19
CA GLY B 189 0.14 4.15 11.14
C GLY B 189 0.07 4.74 9.75
N GLY B 190 -0.16 6.05 9.68
CA GLY B 190 -0.41 6.68 8.38
C GLY B 190 -0.30 8.17 8.49
N SER B 191 -0.21 8.80 7.33
CA SER B 191 -0.04 10.24 7.20
C SER B 191 -0.70 10.72 5.91
N GLU B 192 -1.09 11.97 5.90
CA GLU B 192 -1.85 12.54 4.78
C GLU B 192 -1.73 14.05 4.77
N MET B 193 -1.61 14.62 3.57
N MET B 193 -1.64 14.59 3.56
CA MET B 193 -1.67 16.07 3.30
CA MET B 193 -1.63 16.06 3.26
C MET B 193 -2.29 16.25 1.91
C MET B 193 -2.29 16.27 1.90
N ALA B 194 -3.62 16.25 1.84
CA ALA B 194 -4.40 16.37 0.59
C ALA B 194 -5.14 17.72 0.51
N ALA B 195 -4.84 18.72 1.35
CA ALA B 195 -5.35 20.12 1.15
C ALA B 195 -4.51 20.84 0.10
N CYS B 196 -4.39 20.28 -1.07
CA CYS B 196 -4.03 21.09 -2.24
C CYS B 196 -5.34 21.29 -2.99
N GLY B 197 -5.27 22.00 -4.10
CA GLY B 197 -6.39 22.17 -5.03
C GLY B 197 -6.87 20.81 -5.46
N LEU B 198 -5.93 19.88 -5.63
CA LEU B 198 -6.26 18.56 -6.20
C LEU B 198 -7.16 17.78 -5.22
N GLY B 199 -6.86 17.82 -3.93
CA GLY B 199 -7.67 17.12 -2.92
C GLY B 199 -9.01 17.81 -2.71
N LEU B 200 -8.99 19.13 -2.48
CA LEU B 200 -10.21 19.93 -2.25
C LEU B 200 -11.03 19.94 -3.55
N GLY B 201 -10.36 20.07 -4.69
CA GLY B 201 -11.01 20.06 -6.01
C GLY B 201 -11.55 18.70 -6.36
N GLY B 202 -10.79 17.63 -6.10
CA GLY B 202 -11.17 16.24 -6.43
C GLY B 202 -12.38 15.76 -5.65
N PHE B 203 -12.35 15.90 -4.33
CA PHE B 203 -13.47 15.53 -3.45
C PHE B 203 -14.64 16.46 -3.73
N GLY B 204 -14.34 17.74 -3.97
CA GLY B 204 -15.33 18.78 -4.29
C GLY B 204 -16.09 18.44 -5.57
N ALA B 205 -15.42 17.93 -6.60
CA ALA B 205 -16.07 17.55 -7.87
C ALA B 205 -16.99 16.35 -7.64
N ALA B 206 -16.68 15.49 -6.66
CA ALA B 206 -17.54 14.35 -6.26
C ALA B 206 -18.69 14.84 -5.36
N ARG B 207 -18.68 16.09 -4.92
CA ARG B 207 -19.64 16.70 -3.95
C ARG B 207 -19.64 15.92 -2.63
N ALA B 208 -18.47 15.40 -2.24
CA ALA B 208 -18.29 14.58 -1.01
C ALA B 208 -18.08 15.47 0.22
N LEU B 209 -17.70 16.75 0.04
CA LEU B 209 -17.24 17.63 1.14
C LEU B 209 -18.40 18.48 1.67
N SER B 210 -18.44 18.71 2.99
CA SER B 210 -19.24 19.82 3.54
C SER B 210 -18.84 21.12 2.80
N THR B 211 -19.82 21.94 2.43
CA THR B 211 -19.67 23.28 1.82
C THR B 211 -20.10 24.35 2.83
N ARG B 212 -20.08 24.06 4.13
CA ARG B 212 -20.49 25.00 5.21
C ARG B 212 -19.34 25.99 5.49
N ASN B 213 -19.01 26.79 4.49
CA ASN B 213 -17.88 27.76 4.48
C ASN B 213 -18.11 28.85 5.53
N ASP B 214 -19.36 29.21 5.82
CA ASP B 214 -19.63 30.28 6.81
C ASP B 214 -19.26 29.79 8.22
N GLU B 215 -19.32 28.49 8.54
CA GLU B 215 -19.14 28.02 9.94
C GLU B 215 -18.34 26.71 9.95
N PRO B 216 -17.03 26.79 9.63
CA PRO B 216 -16.22 25.59 9.44
C PRO B 216 -16.17 24.66 10.64
N THR B 217 -16.24 25.22 11.85
CA THR B 217 -16.11 24.44 13.11
C THR B 217 -17.37 23.60 13.30
N ARG B 218 -18.48 23.97 12.68
CA ARG B 218 -19.78 23.25 12.78
C ARG B 218 -19.94 22.29 11.59
N ALA B 219 -19.02 22.26 10.63
CA ALA B 219 -19.18 21.53 9.35
C ALA B 219 -19.24 20.03 9.61
N SER B 220 -18.29 19.50 10.39
CA SER B 220 -18.16 18.06 10.71
C SER B 220 -19.14 17.75 11.84
N ARG B 221 -20.26 17.12 11.52
CA ARG B 221 -21.35 16.90 12.50
C ARG B 221 -21.90 15.50 12.32
N PRO B 222 -21.10 14.46 12.64
CA PRO B 222 -21.50 13.07 12.42
C PRO B 222 -22.85 12.74 13.07
N TRP B 223 -23.75 12.14 12.28
CA TRP B 223 -25.10 11.66 12.73
C TRP B 223 -26.08 12.81 12.99
N ASP B 224 -25.68 14.07 12.81
CA ASP B 224 -26.57 15.25 12.93
C ASP B 224 -27.39 15.36 11.63
N ARG B 225 -28.67 15.71 11.73
CA ARG B 225 -29.56 15.71 10.56
C ARG B 225 -29.12 16.74 9.50
N ASP B 226 -28.30 17.72 9.84
CA ASP B 226 -27.89 18.80 8.91
C ASP B 226 -26.48 18.57 8.32
N ARG B 227 -25.92 17.36 8.43
CA ARG B 227 -24.58 17.06 7.87
C ARG B 227 -24.68 17.12 6.35
N ASP B 228 -23.60 17.50 5.68
CA ASP B 228 -23.55 17.69 4.21
C ASP B 228 -22.19 17.21 3.67
N GLY B 229 -21.54 16.26 4.35
CA GLY B 229 -20.34 15.56 3.88
C GLY B 229 -19.15 15.81 4.77
N PHE B 230 -18.00 15.23 4.41
CA PHE B 230 -16.84 15.15 5.36
C PHE B 230 -16.00 16.42 5.21
N VAL B 231 -15.11 16.62 6.18
CA VAL B 231 -14.20 17.77 6.23
C VAL B 231 -12.79 17.19 6.04
N LEU B 232 -12.07 17.73 5.08
CA LEU B 232 -10.72 17.22 4.71
C LEU B 232 -9.68 17.74 5.70
N SER B 233 -8.88 16.83 6.27
CA SER B 233 -7.85 17.17 7.29
C SER B 233 -6.52 16.48 7.01
N ASP B 234 -5.46 17.08 7.56
CA ASP B 234 -4.05 16.70 7.39
C ASP B 234 -3.49 16.21 8.70
N GLY B 235 -2.45 15.40 8.63
CA GLY B 235 -1.73 14.95 9.84
C GLY B 235 -1.20 13.54 9.68
N SER B 236 -0.95 12.93 10.82
CA SER B 236 -0.23 11.65 10.94
C SER B 236 -0.44 11.07 12.32
N GLY B 237 -0.45 9.75 12.38
CA GLY B 237 -0.37 9.01 13.64
C GLY B 237 0.58 7.86 13.47
N ALA B 238 1.34 7.55 14.52
CA ALA B 238 2.22 6.38 14.56
C ALA B 238 2.13 5.79 15.96
N LEU B 239 2.18 4.46 15.99
CA LEU B 239 2.25 3.65 17.21
C LEU B 239 3.46 2.76 17.08
N VAL B 240 4.12 2.56 18.21
CA VAL B 240 5.13 1.49 18.37
C VAL B 240 4.38 0.28 18.91
N LEU B 241 4.29 -0.75 18.07
CA LEU B 241 3.73 -2.07 18.40
C LEU B 241 4.90 -2.95 18.83
N GLU B 242 4.69 -3.76 19.85
CA GLU B 242 5.79 -4.53 20.46
C GLU B 242 5.21 -5.84 21.02
N GLU B 243 5.93 -6.93 20.82
CA GLU B 243 5.64 -8.22 21.48
C GLU B 243 5.72 -8.03 23.00
N LEU B 244 4.78 -8.66 23.71
CA LEU B 244 4.52 -8.44 25.15
C LEU B 244 5.79 -8.76 25.95
N GLU B 245 6.38 -9.93 25.72
CA GLU B 245 7.58 -10.37 26.49
C GLU B 245 8.74 -9.42 26.20
N HIS B 246 8.92 -8.99 24.96
CA HIS B 246 9.99 -8.00 24.60
C HIS B 246 9.77 -6.68 25.37
N ALA B 247 8.54 -6.21 25.47
CA ALA B 247 8.18 -4.96 26.17
C ALA B 247 8.50 -5.13 27.67
N ARG B 248 8.12 -6.26 28.25
CA ARG B 248 8.28 -6.55 29.71
C ARG B 248 9.76 -6.61 30.09
N ALA B 249 10.57 -7.29 29.28
CA ALA B 249 12.01 -7.54 29.51
C ALA B 249 12.79 -6.22 29.63
N ARG B 250 12.48 -5.21 28.81
CA ARG B 250 13.20 -3.91 28.83
C ARG B 250 12.48 -2.91 29.75
N GLY B 251 11.36 -3.29 30.36
CA GLY B 251 10.62 -2.45 31.31
C GLY B 251 9.83 -1.35 30.65
N ALA B 252 9.31 -1.55 29.44
CA ALA B 252 8.54 -0.54 28.67
C ALA B 252 7.26 -0.18 29.43
N ARG B 253 6.83 1.08 29.28
CA ARG B 253 5.50 1.54 29.69
C ARG B 253 4.56 1.03 28.59
N ILE B 254 3.56 0.26 28.99
CA ILE B 254 2.57 -0.32 28.05
C ILE B 254 1.32 0.50 28.17
N TYR B 255 0.90 1.16 27.10
CA TYR B 255 -0.38 1.90 27.08
C TYR B 255 -1.61 0.97 27.09
N ALA B 256 -1.62 -0.09 26.29
CA ALA B 256 -2.79 -0.97 26.09
C ALA B 256 -2.34 -2.17 25.27
N GLU B 257 -3.20 -3.17 25.13
CA GLU B 257 -2.93 -4.36 24.30
C GLU B 257 -3.77 -4.28 23.03
N LEU B 258 -3.21 -4.66 21.90
CA LEU B 258 -3.98 -4.80 20.65
C LEU B 258 -4.37 -6.28 20.55
N VAL B 259 -5.66 -6.60 20.76
CA VAL B 259 -6.15 -7.99 20.95
C VAL B 259 -6.86 -8.46 19.69
N GLY B 260 -7.33 -7.55 18.82
CA GLY B 260 -8.12 -7.93 17.66
C GLY B 260 -7.89 -7.03 16.45
N PHE B 261 -8.01 -7.62 15.27
CA PHE B 261 -7.97 -6.95 13.96
C PHE B 261 -8.86 -7.71 12.99
N GLY B 262 -9.82 -6.97 12.43
CA GLY B 262 -10.70 -7.46 11.38
C GLY B 262 -10.55 -6.63 10.12
N MET B 263 -10.79 -7.30 9.01
CA MET B 263 -10.81 -6.75 7.65
C MET B 263 -12.06 -7.33 6.98
N SER B 264 -12.66 -6.58 6.08
CA SER B 264 -13.70 -7.12 5.18
C SER B 264 -13.78 -6.20 3.99
N GLY B 265 -14.41 -6.68 2.93
CA GLY B 265 -14.81 -5.89 1.76
C GLY B 265 -16.31 -5.89 1.68
N ASP B 266 -16.91 -4.73 1.46
CA ASP B 266 -18.35 -4.58 1.16
C ASP B 266 -18.69 -5.26 -0.17
N ALA B 267 -17.79 -5.17 -1.16
CA ALA B 267 -18.07 -5.60 -2.55
C ALA B 267 -19.40 -4.97 -3.01
N PHE B 268 -19.58 -3.69 -2.72
CA PHE B 268 -20.89 -3.01 -2.90
C PHE B 268 -20.76 -1.84 -3.88
N HIS B 269 -20.04 -0.78 -3.53
CA HIS B 269 -19.94 0.47 -4.34
C HIS B 269 -18.55 1.09 -4.19
N MET B 270 -18.13 1.89 -5.18
CA MET B 270 -16.75 2.43 -5.30
C MET B 270 -16.52 3.40 -4.16
N THR B 271 -17.55 4.17 -3.78
CA THR B 271 -17.44 5.26 -2.80
C THR B 271 -18.47 5.17 -1.67
N ALA B 272 -19.62 4.53 -1.84
CA ALA B 272 -20.68 4.55 -0.79
C ALA B 272 -20.80 3.18 -0.13
N PRO B 273 -21.04 3.16 1.19
CA PRO B 273 -21.26 1.91 1.90
C PRO B 273 -22.68 1.41 1.69
N PRO B 274 -22.97 0.11 1.92
CA PRO B 274 -24.35 -0.36 1.90
C PRO B 274 -25.10 0.27 3.09
N GLU B 275 -26.39 0.52 2.90
CA GLU B 275 -27.25 1.29 3.84
C GLU B 275 -27.25 0.63 5.22
N ASP B 276 -27.26 -0.71 5.27
CA ASP B 276 -27.33 -1.57 6.49
C ASP B 276 -25.92 -1.84 7.05
N GLY B 277 -24.87 -1.33 6.41
CA GLY B 277 -23.47 -1.49 6.87
C GLY B 277 -23.11 -2.94 7.09
N ALA B 278 -23.57 -3.84 6.22
CA ALA B 278 -23.30 -5.29 6.28
C ALA B 278 -21.78 -5.54 6.34
N GLY B 279 -21.00 -4.77 5.57
CA GLY B 279 -19.54 -4.96 5.50
C GLY B 279 -18.85 -4.58 6.80
N ALA B 280 -19.22 -3.43 7.35
CA ALA B 280 -18.71 -2.94 8.63
C ALA B 280 -19.08 -3.95 9.74
N ALA B 281 -20.28 -4.55 9.67
CA ALA B 281 -20.75 -5.56 10.65
C ALA B 281 -19.86 -6.81 10.57
N ARG B 282 -19.58 -7.33 9.37
CA ARG B 282 -18.70 -8.52 9.17
C ARG B 282 -17.31 -8.24 9.74
N CYS B 283 -16.82 -7.03 9.48
CA CYS B 283 -15.47 -6.59 9.90
C CYS B 283 -15.37 -6.49 11.42
N MET B 284 -16.31 -5.81 12.09
CA MET B 284 -16.34 -5.79 13.58
C MET B 284 -16.44 -7.23 14.13
N LYS B 285 -17.32 -8.08 13.62
CA LYS B 285 -17.44 -9.50 14.07
C LYS B 285 -16.10 -10.20 13.87
N ASN B 286 -15.44 -9.98 12.72
CA ASN B 286 -14.13 -10.61 12.44
C ASN B 286 -13.14 -10.16 13.51
N ALA B 287 -13.17 -8.89 13.91
CA ALA B 287 -12.18 -8.35 14.88
C ALA B 287 -12.43 -8.95 16.27
N LEU B 288 -13.70 -9.09 16.64
CA LEU B 288 -14.07 -9.61 17.98
C LEU B 288 -13.75 -11.11 18.04
N ARG B 289 -14.05 -11.86 16.97
CA ARG B 289 -13.64 -13.29 16.88
C ARG B 289 -12.11 -13.36 16.99
N ASP B 290 -11.40 -12.51 16.24
CA ASP B 290 -9.92 -12.47 16.30
C ASP B 290 -9.44 -12.29 17.76
N ALA B 291 -10.16 -11.49 18.54
CA ALA B 291 -9.78 -11.13 19.93
C ALA B 291 -10.30 -12.17 20.95
N GLY B 292 -11.13 -13.11 20.50
CA GLY B 292 -11.82 -14.06 21.40
C GLY B 292 -12.79 -13.36 22.32
N LEU B 293 -13.40 -12.25 21.89
CA LEU B 293 -14.28 -11.44 22.78
C LEU B 293 -15.73 -11.51 22.31
N ASP B 294 -16.65 -11.48 23.26
N ASP B 294 -16.67 -11.52 23.25
CA ASP B 294 -18.11 -11.39 23.06
CA ASP B 294 -18.13 -11.45 22.96
C ASP B 294 -18.44 -9.93 22.75
C ASP B 294 -18.49 -9.97 22.79
N PRO B 295 -19.40 -9.63 21.84
CA PRO B 295 -19.78 -8.24 21.62
C PRO B 295 -20.08 -7.44 22.91
N ARG B 296 -20.65 -8.07 23.93
CA ARG B 296 -21.03 -7.45 25.23
C ARG B 296 -19.84 -6.81 25.96
N GLN B 297 -18.64 -7.32 25.70
CA GLN B 297 -17.37 -6.88 26.34
C GLN B 297 -16.92 -5.53 25.78
N VAL B 298 -17.49 -5.01 24.68
CA VAL B 298 -17.05 -3.72 24.11
C VAL B 298 -17.69 -2.57 24.89
N ASP B 299 -16.88 -1.61 25.31
CA ASP B 299 -17.33 -0.43 26.09
C ASP B 299 -17.36 0.84 25.22
N TYR B 300 -16.41 0.96 24.29
CA TYR B 300 -16.16 2.23 23.57
C TYR B 300 -15.85 1.90 22.11
N ILE B 301 -16.49 2.59 21.19
CA ILE B 301 -16.17 2.54 19.74
C ILE B 301 -15.81 3.94 19.26
N ASN B 302 -14.59 4.11 18.73
CA ASN B 302 -14.24 5.31 17.95
C ASN B 302 -14.69 5.02 16.53
N ALA B 303 -15.84 5.58 16.15
CA ALA B 303 -16.49 5.29 14.86
C ALA B 303 -15.62 5.84 13.73
N HIS B 304 -15.87 5.34 12.52
CA HIS B 304 -15.38 6.04 11.31
C HIS B 304 -16.05 7.43 11.26
N GLY B 305 -17.38 7.50 11.36
CA GLY B 305 -18.17 8.73 11.61
C GLY B 305 -17.71 9.94 10.81
N THR B 306 -17.78 9.88 9.49
CA THR B 306 -17.19 10.91 8.58
C THR B 306 -18.08 12.16 8.39
N SER B 307 -19.37 12.12 8.78
CA SER B 307 -20.35 13.22 8.55
C SER B 307 -20.88 13.19 7.10
N THR B 308 -20.83 12.04 6.43
CA THR B 308 -21.55 11.81 5.16
C THR B 308 -22.92 11.24 5.51
N PRO B 309 -23.98 11.65 4.78
CA PRO B 309 -25.31 11.12 5.04
C PRO B 309 -25.32 9.58 5.17
N ALA B 310 -24.88 8.84 4.15
CA ALA B 310 -25.01 7.37 4.10
C ALA B 310 -23.98 6.68 5.03
N GLY B 311 -22.73 7.17 5.10
CA GLY B 311 -21.68 6.58 5.96
C GLY B 311 -22.13 6.46 7.41
N ASP B 312 -22.63 7.54 7.99
CA ASP B 312 -22.96 7.63 9.44
C ASP B 312 -24.10 6.64 9.75
N ILE B 313 -25.15 6.63 8.93
CA ILE B 313 -26.35 5.76 9.14
C ILE B 313 -25.96 4.27 8.97
N ALA B 314 -25.07 3.93 8.04
CA ALA B 314 -24.54 2.55 7.85
C ALA B 314 -23.85 2.03 9.11
N GLU B 315 -23.07 2.89 9.78
N GLU B 315 -23.09 2.91 9.76
CA GLU B 315 -22.30 2.51 11.00
CA GLU B 315 -22.30 2.59 10.98
C GLU B 315 -23.26 2.26 12.17
C GLU B 315 -23.24 2.28 12.15
N ILE B 316 -24.32 3.07 12.31
CA ILE B 316 -25.37 2.80 13.34
C ILE B 316 -25.99 1.40 13.08
N ALA B 317 -26.48 1.15 11.87
CA ALA B 317 -27.02 -0.17 11.46
C ALA B 317 -26.03 -1.28 11.79
N ALA B 318 -24.74 -1.10 11.48
CA ALA B 318 -23.71 -2.13 11.70
C ALA B 318 -23.53 -2.37 13.20
N VAL B 319 -23.49 -1.31 13.99
CA VAL B 319 -23.32 -1.44 15.47
C VAL B 319 -24.56 -2.12 16.08
N LYS B 320 -25.78 -1.72 15.71
CA LYS B 320 -27.02 -2.38 16.22
C LYS B 320 -27.02 -3.85 15.83
N SER B 321 -26.57 -4.18 14.61
CA SER B 321 -26.54 -5.56 14.09
C SER B 321 -25.54 -6.41 14.88
N VAL B 322 -24.34 -5.88 15.13
CA VAL B 322 -23.28 -6.66 15.81
C VAL B 322 -23.61 -6.81 17.31
N PHE B 323 -24.15 -5.79 17.95
CA PHE B 323 -24.15 -5.66 19.43
C PHE B 323 -25.55 -5.86 20.01
N GLY B 324 -26.60 -5.89 19.16
CA GLY B 324 -28.01 -6.07 19.58
C GLY B 324 -28.32 -5.32 20.88
N GLU B 325 -28.58 -6.06 21.95
CA GLU B 325 -29.08 -5.52 23.24
C GLU B 325 -27.98 -4.81 24.04
N HIS B 326 -26.77 -4.67 23.49
CA HIS B 326 -25.63 -4.02 24.19
C HIS B 326 -25.23 -2.72 23.47
N ALA B 327 -25.80 -2.48 22.30
CA ALA B 327 -25.50 -1.35 21.39
C ALA B 327 -25.78 -0.03 22.12
N HIS B 328 -26.74 -0.01 23.07
CA HIS B 328 -27.10 1.21 23.83
C HIS B 328 -26.21 1.37 25.06
N ALA B 329 -25.54 0.32 25.53
CA ALA B 329 -24.72 0.36 26.77
C ALA B 329 -23.32 0.87 26.45
N LEU B 330 -22.75 0.47 25.30
CA LEU B 330 -21.43 1.02 24.86
C LEU B 330 -21.63 2.49 24.50
N SER B 331 -20.53 3.22 24.43
CA SER B 331 -20.47 4.61 23.95
C SER B 331 -19.76 4.59 22.60
N MET B 332 -20.25 5.33 21.63
CA MET B 332 -19.56 5.43 20.32
C MET B 332 -19.48 6.91 19.96
N SER B 333 -18.28 7.39 19.67
CA SER B 333 -18.10 8.79 19.22
C SER B 333 -17.24 8.87 17.95
N SER B 334 -17.43 9.94 17.21
CA SER B 334 -16.60 10.35 16.06
C SER B 334 -15.76 11.56 16.47
N THR B 335 -14.47 11.32 16.66
CA THR B 335 -13.49 12.39 16.90
C THR B 335 -13.34 13.20 15.61
N LYS B 336 -13.86 12.74 14.46
CA LYS B 336 -13.84 13.53 13.20
C LYS B 336 -14.73 14.78 13.35
N SER B 337 -15.67 14.79 14.31
CA SER B 337 -16.45 16.00 14.68
C SER B 337 -15.49 17.15 15.02
N MET B 338 -14.31 16.81 15.53
CA MET B 338 -13.27 17.78 15.98
C MET B 338 -12.11 17.84 14.99
N THR B 339 -11.61 16.69 14.52
CA THR B 339 -10.35 16.63 13.74
C THR B 339 -10.61 16.80 12.24
N GLY B 340 -11.84 16.61 11.78
CA GLY B 340 -12.10 16.29 10.38
C GLY B 340 -11.53 14.92 10.03
N HIS B 341 -11.51 14.63 8.74
CA HIS B 341 -11.21 13.29 8.18
C HIS B 341 -9.78 13.33 7.65
N LEU B 342 -8.83 12.74 8.35
CA LEU B 342 -7.40 12.70 7.93
C LEU B 342 -7.15 11.61 6.89
N LEU B 343 -8.20 11.04 6.29
CA LEU B 343 -8.13 10.03 5.21
C LEU B 343 -7.24 8.85 5.65
N GLY B 344 -6.10 8.60 4.99
CA GLY B 344 -5.22 7.48 5.37
C GLY B 344 -4.64 7.58 6.76
N ALA B 345 -4.60 8.77 7.37
CA ALA B 345 -4.11 8.96 8.76
C ALA B 345 -5.27 8.84 9.75
N ALA B 346 -6.53 8.82 9.30
CA ALA B 346 -7.68 8.83 10.22
C ALA B 346 -7.58 7.66 11.19
N GLY B 347 -7.35 6.45 10.66
CA GLY B 347 -7.27 5.23 11.48
C GLY B 347 -6.10 5.26 12.45
N ALA B 348 -5.04 5.97 12.14
CA ALA B 348 -3.84 6.00 13.01
C ALA B 348 -4.14 6.91 14.20
N VAL B 349 -4.61 8.15 13.94
CA VAL B 349 -4.88 9.11 15.04
C VAL B 349 -6.04 8.54 15.87
N GLU B 350 -7.00 7.83 15.25
CA GLU B 350 -8.19 7.36 15.96
C GLU B 350 -7.86 6.11 16.78
N ALA B 351 -6.90 5.28 16.36
CA ALA B 351 -6.34 4.22 17.23
C ALA B 351 -5.64 4.84 18.45
N ILE B 352 -4.97 5.97 18.29
CA ILE B 352 -4.30 6.62 19.46
C ILE B 352 -5.39 7.15 20.42
N PHE B 353 -6.43 7.76 19.88
CA PHE B 353 -7.56 8.27 20.69
C PHE B 353 -8.22 7.11 21.43
N SER B 354 -8.29 5.92 20.81
CA SER B 354 -8.93 4.73 21.42
C SER B 354 -8.08 4.21 22.58
N VAL B 355 -6.78 4.13 22.37
CA VAL B 355 -5.78 3.78 23.42
C VAL B 355 -5.87 4.81 24.54
N LEU B 356 -6.00 6.10 24.24
CA LEU B 356 -6.03 7.12 25.33
C LEU B 356 -7.38 7.06 26.03
N ALA B 357 -8.46 6.69 25.32
CA ALA B 357 -9.77 6.47 25.95
C ALA B 357 -9.59 5.43 27.05
N LEU B 358 -8.80 4.38 26.79
CA LEU B 358 -8.55 3.29 27.75
C LEU B 358 -7.69 3.80 28.90
N ARG B 359 -6.63 4.55 28.61
CA ARG B 359 -5.75 5.08 29.68
C ARG B 359 -6.56 5.96 30.63
N ASP B 360 -7.37 6.90 30.12
CA ASP B 360 -7.98 7.99 30.91
C ASP B 360 -9.42 7.66 31.28
N GLN B 361 -9.99 6.54 30.80
CA GLN B 361 -11.35 6.06 31.16
C GLN B 361 -12.38 7.14 30.83
N VAL B 362 -12.32 7.63 29.59
CA VAL B 362 -13.23 8.71 29.13
C VAL B 362 -13.51 8.46 27.66
N ALA B 363 -14.77 8.58 27.28
CA ALA B 363 -15.19 8.58 25.86
C ALA B 363 -15.13 10.01 25.34
N PRO B 364 -14.32 10.27 24.30
CA PRO B 364 -14.28 11.58 23.67
C PRO B 364 -15.64 11.91 23.09
N PRO B 365 -15.99 13.20 22.97
CA PRO B 365 -17.28 13.63 22.44
C PRO B 365 -17.42 13.49 20.93
N THR B 366 -18.67 13.43 20.47
CA THR B 366 -19.08 13.82 19.11
C THR B 366 -19.59 15.25 19.22
N ILE B 367 -18.76 16.25 18.97
CA ILE B 367 -19.27 17.66 18.96
C ILE B 367 -20.21 17.84 17.77
N ASN B 368 -21.01 18.91 17.81
CA ASN B 368 -21.90 19.37 16.70
C ASN B 368 -23.12 18.45 16.57
N LEU B 369 -23.32 17.48 17.47
CA LEU B 369 -24.45 16.53 17.36
C LEU B 369 -25.65 17.19 18.03
N ASP B 370 -26.22 18.21 17.38
CA ASP B 370 -27.28 19.08 17.93
C ASP B 370 -28.64 18.40 17.80
N ASN B 371 -28.86 17.71 16.68
CA ASN B 371 -30.15 17.09 16.28
C ASN B 371 -29.89 15.74 15.63
N PRO B 372 -29.74 14.69 16.45
CA PRO B 372 -29.53 13.33 15.93
C PRO B 372 -30.56 13.03 14.84
N ASP B 373 -30.10 12.30 13.82
CA ASP B 373 -30.93 11.92 12.67
C ASP B 373 -31.80 10.71 13.05
N GLU B 374 -32.75 10.40 12.17
CA GLU B 374 -33.60 9.17 12.22
C GLU B 374 -32.75 7.94 12.56
N GLY B 375 -33.04 7.29 13.68
CA GLY B 375 -32.41 6.02 14.06
C GLY B 375 -31.06 6.21 14.75
N CYS B 376 -30.58 7.44 14.90
CA CYS B 376 -29.24 7.70 15.50
C CYS B 376 -29.45 7.89 17.01
N ASP B 377 -29.96 6.85 17.69
CA ASP B 377 -30.46 6.93 19.09
C ASP B 377 -29.50 6.21 20.05
N LEU B 378 -28.29 5.88 19.61
CA LEU B 378 -27.26 5.26 20.47
C LEU B 378 -26.65 6.32 21.40
N ASP B 379 -25.78 5.93 22.32
CA ASP B 379 -24.99 6.87 23.13
C ASP B 379 -23.80 7.29 22.25
N LEU B 380 -23.96 8.44 21.58
CA LEU B 380 -22.96 8.99 20.64
C LEU B 380 -22.14 10.08 21.31
N VAL B 381 -22.20 10.17 22.66
CA VAL B 381 -21.38 11.09 23.49
C VAL B 381 -21.48 12.51 22.91
N ALA B 382 -22.71 12.93 22.58
CA ALA B 382 -23.00 14.29 22.04
C ALA B 382 -22.36 15.36 22.94
N HIS B 383 -21.65 16.30 22.32
CA HIS B 383 -21.21 17.62 22.86
C HIS B 383 -19.99 17.50 23.78
N GLU B 384 -20.01 16.64 24.80
CA GLU B 384 -19.00 16.66 25.89
C GLU B 384 -18.48 15.26 26.18
N ALA B 385 -17.21 15.19 26.59
CA ALA B 385 -16.54 13.94 26.99
C ALA B 385 -17.36 13.31 28.12
N LYS B 386 -17.38 11.98 28.17
CA LYS B 386 -18.14 11.23 29.19
C LYS B 386 -17.16 10.27 29.87
N PRO B 387 -16.71 10.57 31.10
CA PRO B 387 -15.91 9.61 31.86
C PRO B 387 -16.73 8.35 32.08
N ARG B 388 -16.14 7.17 31.91
CA ARG B 388 -16.87 5.90 32.10
C ARG B 388 -15.85 4.77 32.17
N LYS B 389 -16.31 3.59 32.55
CA LYS B 389 -15.50 2.35 32.50
C LYS B 389 -15.30 1.97 31.03
N ILE B 390 -14.07 1.69 30.63
CA ILE B 390 -13.73 1.20 29.26
C ILE B 390 -12.67 0.13 29.43
N ASP B 391 -13.04 -1.14 29.32
CA ASP B 391 -12.02 -2.22 29.33
C ASP B 391 -11.57 -2.52 27.90
N VAL B 392 -12.49 -2.39 26.93
CA VAL B 392 -12.32 -2.77 25.50
C VAL B 392 -12.83 -1.63 24.61
N ALA B 393 -11.98 -1.19 23.67
CA ALA B 393 -12.27 -0.10 22.72
C ALA B 393 -12.04 -0.60 21.28
N LEU B 394 -13.01 -0.31 20.40
CA LEU B 394 -12.97 -0.61 18.94
C LEU B 394 -12.66 0.69 18.20
N SER B 395 -11.90 0.56 17.13
CA SER B 395 -11.68 1.68 16.18
C SER B 395 -11.98 1.17 14.77
N ASN B 396 -12.94 1.80 14.11
CA ASN B 396 -13.44 1.39 12.79
C ASN B 396 -12.96 2.38 11.73
N SER B 397 -12.62 1.84 10.56
CA SER B 397 -12.36 2.61 9.33
C SER B 397 -13.05 1.88 8.16
N PHE B 398 -13.79 2.63 7.36
CA PHE B 398 -14.55 2.11 6.18
C PHE B 398 -14.18 3.02 5.00
N GLY B 399 -13.47 2.52 3.97
CA GLY B 399 -12.93 3.38 2.91
C GLY B 399 -13.55 3.15 1.55
N PHE B 400 -13.18 4.01 0.59
CA PHE B 400 -13.46 3.83 -0.85
C PHE B 400 -13.07 2.41 -1.26
N GLY B 401 -13.90 1.81 -2.12
CA GLY B 401 -13.73 0.43 -2.58
C GLY B 401 -14.38 -0.53 -1.60
N GLY B 402 -15.07 0.00 -0.59
CA GLY B 402 -15.75 -0.79 0.44
C GLY B 402 -14.76 -1.58 1.26
N THR B 403 -13.56 -1.02 1.47
CA THR B 403 -12.51 -1.71 2.25
C THR B 403 -12.72 -1.35 3.73
N ASN B 404 -12.76 -2.34 4.60
CA ASN B 404 -13.10 -2.12 6.03
C ASN B 404 -11.98 -2.63 6.91
N GLY B 405 -11.78 -1.93 8.02
CA GLY B 405 -10.85 -2.35 9.07
C GLY B 405 -11.40 -2.01 10.45
N THR B 406 -11.17 -2.90 11.39
CA THR B 406 -11.52 -2.75 12.82
C THR B 406 -10.32 -3.18 13.69
N LEU B 407 -9.93 -2.34 14.65
CA LEU B 407 -8.91 -2.69 15.65
C LEU B 407 -9.62 -2.83 17.00
N VAL B 408 -9.22 -3.83 17.79
CA VAL B 408 -9.73 -4.07 19.17
C VAL B 408 -8.56 -3.91 20.12
N PHE B 409 -8.65 -2.93 21.01
CA PHE B 409 -7.69 -2.64 22.08
C PHE B 409 -8.35 -3.00 23.41
N ARG B 410 -7.54 -3.42 24.37
CA ARG B 410 -7.99 -3.74 25.75
C ARG B 410 -7.00 -3.17 26.76
N ARG B 411 -7.47 -2.73 27.92
CA ARG B 411 -6.60 -2.37 29.08
C ARG B 411 -5.61 -3.50 29.34
N PHE B 412 -4.36 -3.15 29.61
CA PHE B 412 -3.32 -4.15 29.97
C PHE B 412 -2.95 -4.00 31.46
N ALA B 413 -2.99 -5.10 32.23
CA ALA B 413 -2.47 -5.17 33.62
C ALA B 413 -1.90 -6.58 33.88
N1 K0Y C . 22.31 -19.35 2.71
C4 K0Y C . 22.60 -18.82 3.89
C5 K0Y C . 21.44 -18.77 4.72
C6 K0Y C . 20.45 -19.31 4.00
C7 K0Y C . 19.06 -19.58 4.32
N K0Y C . 25.06 -18.30 3.95
C K0Y C . 27.95 -15.26 4.18
O K0Y C . 27.45 -16.48 3.61
C1 K0Y C . 26.08 -16.51 3.27
C2 K0Y C . 25.47 -17.83 2.75
C3 K0Y C . 23.89 -18.52 4.51
O1 K0Y C . 25.46 -15.53 3.46
O2 K0Y C . 23.89 -18.32 5.71
O3 K0Y C . 20.97 -19.66 2.77
S DMS D . 3.37 -18.97 2.69
O DMS D . 3.23 -18.01 3.82
C1 DMS D . 5.08 -18.86 2.17
C2 DMS D . 3.44 -20.61 3.41
S DMS E . 27.04 -23.45 -0.51
O DMS E . 27.21 -24.26 -1.78
C1 DMS E . 25.29 -23.31 -0.22
C2 DMS E . 27.45 -24.53 0.83
S DMS F . -9.40 15.62 -17.23
O DMS F . -9.60 16.85 -16.37
C1 DMS F . -8.90 16.17 -18.84
C2 DMS F . -11.04 15.05 -17.62
S DMS G . 14.46 13.36 15.04
O DMS G . 13.91 12.71 16.28
C1 DMS G . 15.53 14.65 15.60
C2 DMS G . 15.73 12.29 14.38
S DMS H . 24.39 -0.19 18.05
O DMS H . 24.34 -1.67 18.50
C1 DMS H . 24.20 0.78 19.53
C2 DMS H . 26.11 0.16 17.72
S DMS I . -2.61 -9.46 16.91
O DMS I . -2.62 -10.53 15.83
C1 DMS I . -3.95 -8.37 16.52
C2 DMS I . -3.32 -10.19 18.36
S DMS J . 10.77 17.01 -4.20
O DMS J . 9.91 17.43 -5.37
C1 DMS J . 12.13 18.18 -4.17
C2 DMS J . 9.96 17.62 -2.74
S DMS K . 7.37 12.84 22.54
O DMS K . 7.90 11.68 21.74
C1 DMS K . 6.08 13.57 21.57
C2 DMS K . 8.53 14.20 22.42
S DMS L . 8.64 20.56 -0.80
O DMS L . 7.94 19.37 -0.23
C1 DMS L . 9.19 21.54 0.58
C2 DMS L . 7.37 21.65 -1.40
S DMS M . 17.04 5.28 19.38
O DMS M . 17.58 3.86 19.29
C1 DMS M . 18.22 6.33 18.54
C2 DMS M . 17.39 5.83 21.06
P PO4 N . 16.46 -7.41 22.18
O1 PO4 N . 16.39 -7.91 23.63
O2 PO4 N . 17.92 -7.31 21.75
O3 PO4 N . 15.77 -6.01 22.07
O4 PO4 N . 15.73 -8.46 21.27
#